data_4PTE
#
_entry.id   4PTE
#
_cell.length_a   81.642
_cell.length_b   83.514
_cell.length_c   178.238
_cell.angle_alpha   90.00
_cell.angle_beta   90.00
_cell.angle_gamma   90.00
#
_symmetry.space_group_name_H-M   'P 21 21 21'
#
loop_
_entity.id
_entity.type
_entity.pdbx_description
1 polymer 'Glycogen synthase kinase-3 beta'
2 non-polymer N-[4-(isoquinolin-7-yl)pyridin-2-yl]cyclopropanecarboxamide
3 water water
#
_entity_poly.entity_id   1
_entity_poly.type   'polypeptide(L)'
_entity_poly.pdbx_seq_one_letter_code
;MHSSHHHHHHSSGENLYFQGHMSGRPRTTSFAESCKPVQQPSAFGSMKVSRDKDGSKVTTVVATPGQGPDRPQEVSYTDT
KVIGNGSFGVVYQAKLCDSGELVAIKKVLQDKRFKNRELQIMRKLDHCNIVRLRYFFYSSGEKKDEVYLNLVLDYVPETV
YRVARHYSRAKQTLPVIYVKLYMYQLFRSLAYIHSFGICHRDIKPQNLLLDPDTAVLKLCDFGSAKQLVRGEPNVSYICS
RYYRAPELIFGATDYTSSIDVWSAGCVLAELLLGQPIFPGDSGVDQLVEIIKVLGTPTREQIREMNPNYTEFKFPQIKAH
PWTKVFRPRTPPEAIALCSRLLEYTPTARLTPLEACAHSFFDELRDPNVKLPNGRDTPALFNFTTQELSSNPPLATILIP
PHARIQAAASTPTNATAASDANTGDRGQTNNAASASASNST
;
_entity_poly.pdbx_strand_id   A,B
#
# COMPACT_ATOMS: atom_id res chain seq x y z
N LYS A 57 21.15 -11.00 30.60
CA LYS A 57 22.06 -10.10 31.31
C LYS A 57 23.02 -9.46 30.32
N VAL A 58 24.28 -9.90 30.34
CA VAL A 58 25.29 -9.34 29.47
C VAL A 58 25.65 -10.26 28.31
N THR A 59 25.57 -9.74 27.10
CA THR A 59 25.96 -10.46 25.90
C THR A 59 27.31 -9.96 25.39
N THR A 60 28.23 -10.87 25.13
CA THR A 60 29.52 -10.51 24.55
C THR A 60 29.68 -11.15 23.18
N VAL A 61 29.97 -10.33 22.17
CA VAL A 61 30.17 -10.81 20.82
C VAL A 61 31.54 -10.34 20.31
N VAL A 62 32.01 -10.95 19.23
CA VAL A 62 33.19 -10.44 18.55
C VAL A 62 32.74 -9.79 17.26
N ALA A 63 32.74 -8.45 17.26
CA ALA A 63 32.14 -7.67 16.20
C ALA A 63 33.18 -6.93 15.37
N THR A 64 32.85 -6.78 14.08
CA THR A 64 33.71 -6.04 13.17
C THR A 64 33.27 -4.58 13.09
N PRO A 65 34.21 -3.64 13.31
CA PRO A 65 33.93 -2.21 13.16
C PRO A 65 33.30 -1.92 11.82
N GLY A 66 32.30 -1.05 11.78
CA GLY A 66 31.55 -0.78 10.57
C GLY A 66 32.42 -0.10 9.52
N GLN A 67 33.32 0.75 9.98
CA GLN A 67 34.27 1.42 9.10
C GLN A 67 35.69 0.93 9.39
N GLY A 68 36.64 1.35 8.58
CA GLY A 68 38.02 0.91 8.75
C GLY A 68 38.22 -0.55 8.39
N PRO A 69 39.42 -1.09 8.65
CA PRO A 69 39.74 -2.47 8.24
C PRO A 69 39.07 -3.53 9.12
N ASP A 70 39.02 -4.75 8.61
CA ASP A 70 38.36 -5.85 9.33
C ASP A 70 39.19 -6.32 10.52
N ARG A 71 39.07 -5.63 11.64
CA ARG A 71 39.74 -6.04 12.87
C ARG A 71 38.71 -6.18 13.96
N PRO A 72 38.16 -7.39 14.13
CA PRO A 72 37.07 -7.59 15.08
C PRO A 72 37.52 -7.33 16.51
N GLN A 73 36.57 -6.92 17.34
CA GLN A 73 36.83 -6.61 18.74
C GLN A 73 35.75 -7.24 19.60
N GLU A 74 36.09 -7.56 20.85
CA GLU A 74 35.08 -8.01 21.79
C GLU A 74 34.19 -6.83 22.15
N VAL A 75 32.88 -7.01 22.01
CA VAL A 75 31.93 -5.96 22.36
C VAL A 75 30.85 -6.57 23.26
N SER A 76 30.64 -5.95 24.41
CA SER A 76 29.63 -6.40 25.36
C SER A 76 28.47 -5.42 25.45
N TYR A 77 27.26 -5.95 25.59
CA TYR A 77 26.07 -5.10 25.73
C TYR A 77 25.02 -5.74 26.62
N THR A 78 24.06 -4.93 27.04
CA THR A 78 23.05 -5.37 27.98
C THR A 78 21.73 -4.62 27.74
N ASP A 79 20.74 -4.88 28.60
CA ASP A 79 19.42 -4.23 28.50
C ASP A 79 18.76 -4.37 27.14
N THR A 80 18.80 -5.57 26.56
CA THR A 80 18.28 -5.76 25.22
C THR A 80 16.76 -5.77 25.20
N LYS A 81 16.18 -4.89 24.39
CA LYS A 81 14.73 -4.87 24.21
C LYS A 81 14.35 -4.63 22.76
N VAL A 82 13.23 -5.22 22.35
CA VAL A 82 12.75 -5.11 20.98
C VAL A 82 12.16 -3.74 20.74
N ILE A 83 12.57 -3.08 19.67
CA ILE A 83 11.99 -1.78 19.35
C ILE A 83 11.31 -1.80 17.99
N GLY A 84 11.39 -2.92 17.28
CA GLY A 84 10.71 -3.05 16.01
C GLY A 84 10.79 -4.41 15.34
N ASN A 85 9.71 -4.80 14.67
CA ASN A 85 9.68 -5.99 13.80
C ASN A 85 9.41 -5.56 12.36
N GLY A 86 9.85 -6.37 11.41
CA GLY A 86 9.54 -6.10 10.03
C GLY A 86 9.69 -7.36 9.20
N SER A 87 9.42 -7.25 7.91
CA SER A 87 9.62 -8.35 6.98
C SER A 87 11.09 -8.82 6.97
N PHE A 88 12.01 -7.93 7.32
CA PHE A 88 13.45 -8.21 7.30
C PHE A 88 13.90 -9.05 8.50
N GLY A 89 13.19 -8.90 9.61
CA GLY A 89 13.63 -9.46 10.88
C GLY A 89 13.22 -8.59 12.06
N VAL A 90 14.17 -8.33 12.96
CA VAL A 90 13.88 -7.67 14.22
C VAL A 90 14.94 -6.60 14.55
N VAL A 91 14.50 -5.47 15.11
CA VAL A 91 15.44 -4.47 15.60
C VAL A 91 15.37 -4.38 17.13
N TYR A 92 16.53 -4.58 17.77
CA TYR A 92 16.64 -4.50 19.22
C TYR A 92 17.30 -3.20 19.64
N GLN A 93 17.00 -2.73 20.85
CA GLN A 93 17.82 -1.70 21.47
C GLN A 93 18.73 -2.38 22.48
N ALA A 94 19.94 -1.88 22.64
CA ALA A 94 20.85 -2.39 23.64
C ALA A 94 21.74 -1.26 24.19
N LYS A 95 22.38 -1.53 25.32
CA LYS A 95 23.30 -0.56 25.91
C LYS A 95 24.70 -1.14 25.89
N LEU A 96 25.65 -0.42 25.28
CA LEU A 96 27.04 -0.86 25.27
C LEU A 96 27.66 -0.75 26.66
N CYS A 97 28.29 -1.82 27.13
CA CYS A 97 28.90 -1.82 28.45
C CYS A 97 30.04 -0.81 28.58
N ASP A 98 30.84 -0.67 27.53
CA ASP A 98 32.01 0.20 27.55
C ASP A 98 31.64 1.67 27.75
N SER A 99 30.75 2.18 26.90
CA SER A 99 30.44 3.60 26.87
C SER A 99 29.11 3.95 27.51
N GLY A 100 28.24 2.95 27.67
CA GLY A 100 26.90 3.18 28.14
C GLY A 100 26.02 3.72 27.03
N GLU A 101 26.59 3.84 25.83
CA GLU A 101 25.86 4.37 24.68
C GLU A 101 24.78 3.39 24.22
N LEU A 102 23.67 3.93 23.74
CA LEU A 102 22.56 3.10 23.25
C LEU A 102 22.76 2.73 21.79
N VAL A 103 22.44 1.50 21.43
CA VAL A 103 22.52 1.09 20.03
C VAL A 103 21.24 0.39 19.58
N ALA A 104 21.01 0.42 18.27
CA ALA A 104 19.96 -0.40 17.67
C ALA A 104 20.63 -1.55 16.95
N ILE A 105 20.23 -2.77 17.26
CA ILE A 105 20.79 -3.93 16.56
C ILE A 105 19.74 -4.50 15.62
N LYS A 106 20.00 -4.39 14.33
CA LYS A 106 19.12 -4.96 13.33
C LYS A 106 19.58 -6.36 12.94
N LYS A 107 18.70 -7.34 13.11
CA LYS A 107 19.07 -8.74 12.91
C LYS A 107 18.32 -9.34 11.74
N VAL A 108 19.06 -9.77 10.71
CA VAL A 108 18.49 -10.32 9.48
C VAL A 108 19.10 -11.68 9.14
N LEU A 109 18.33 -12.57 8.51
CA LEU A 109 18.89 -13.84 8.07
C LEU A 109 19.94 -13.58 6.98
N GLN A 110 21.08 -14.28 7.05
CA GLN A 110 22.14 -14.12 6.07
C GLN A 110 22.10 -15.19 4.98
N ASP A 111 22.13 -14.76 3.73
CA ASP A 111 22.13 -15.68 2.60
C ASP A 111 23.46 -16.39 2.42
N PHE A 114 25.23 -15.92 -1.07
CA PHE A 114 25.63 -14.61 -1.57
C PHE A 114 25.93 -13.62 -0.42
N LYS A 115 26.43 -12.44 -0.77
CA LYS A 115 26.78 -11.42 0.21
C LYS A 115 25.63 -10.44 0.44
N ASN A 116 25.65 -9.77 1.59
CA ASN A 116 24.54 -8.90 1.97
C ASN A 116 24.72 -7.49 1.44
N ARG A 117 23.81 -7.07 0.58
CA ARG A 117 23.92 -5.79 -0.13
C ARG A 117 23.83 -4.60 0.81
N GLU A 118 22.94 -4.70 1.80
CA GLU A 118 22.76 -3.65 2.80
C GLU A 118 24.04 -3.41 3.59
N LEU A 119 24.70 -4.49 4.00
CA LEU A 119 25.97 -4.38 4.70
C LEU A 119 27.04 -3.74 3.83
N GLN A 120 27.15 -4.18 2.58
CA GLN A 120 28.17 -3.67 1.67
C GLN A 120 27.99 -2.17 1.49
N ILE A 121 26.75 -1.74 1.28
CA ILE A 121 26.44 -0.32 1.15
C ILE A 121 26.75 0.46 2.44
N MET A 122 26.31 -0.03 3.59
CA MET A 122 26.51 0.71 4.83
C MET A 122 27.98 0.85 5.24
N ARG A 123 28.81 -0.14 4.92
CA ARG A 123 30.22 -0.05 5.26
C ARG A 123 30.91 1.09 4.50
N LYS A 124 30.30 1.53 3.40
CA LYS A 124 30.88 2.58 2.56
C LYS A 124 30.45 3.99 2.97
N LEU A 125 29.41 4.09 3.79
CA LEU A 125 28.81 5.39 4.08
C LEU A 125 29.36 6.02 5.35
N ASP A 126 29.68 7.31 5.25
CA ASP A 126 30.18 8.07 6.39
C ASP A 126 29.68 9.50 6.27
N HIS A 127 28.59 9.80 6.96
CA HIS A 127 27.96 11.12 6.83
C HIS A 127 27.12 11.43 8.07
N CYS A 128 27.16 12.67 8.53
CA CYS A 128 26.49 13.03 9.79
C CYS A 128 24.96 12.93 9.73
N ASN A 129 24.40 12.84 8.52
CA ASN A 129 22.95 12.70 8.38
C ASN A 129 22.54 11.28 7.93
N ILE A 130 23.42 10.33 8.15
CA ILE A 130 23.10 8.92 7.90
C ILE A 130 23.46 8.15 9.16
N VAL A 131 22.56 7.31 9.66
CA VAL A 131 22.85 6.56 10.88
C VAL A 131 24.10 5.72 10.71
N ARG A 132 24.96 5.75 11.71
CA ARG A 132 26.26 5.09 11.63
C ARG A 132 26.19 3.60 11.90
N LEU A 133 26.84 2.81 11.05
CA LEU A 133 27.09 1.40 11.34
C LEU A 133 28.29 1.29 12.27
N ARG A 134 28.04 1.11 13.57
CA ARG A 134 29.12 1.01 14.54
C ARG A 134 29.89 -0.31 14.38
N TYR A 135 29.14 -1.41 14.33
CA TYR A 135 29.71 -2.75 14.21
C TYR A 135 28.77 -3.64 13.41
N PHE A 136 29.27 -4.79 12.95
CA PHE A 136 28.38 -5.87 12.58
C PHE A 136 28.95 -7.19 13.10
N PHE A 137 28.08 -8.17 13.31
CA PHE A 137 28.53 -9.49 13.75
C PHE A 137 27.53 -10.56 13.34
N TYR A 138 27.98 -11.81 13.38
CA TYR A 138 27.14 -12.95 13.03
C TYR A 138 26.75 -13.73 14.28
N SER A 139 25.56 -14.31 14.25
CA SER A 139 25.07 -15.13 15.37
C SER A 139 24.15 -16.22 14.84
N SER A 140 23.81 -17.18 15.70
CA SER A 140 22.95 -18.30 15.33
C SER A 140 21.55 -18.12 15.91
N ASP A 145 18.62 -23.83 12.86
CA ASP A 145 20.06 -23.97 12.68
C ASP A 145 20.55 -23.11 11.51
N GLU A 146 20.25 -21.82 11.56
CA GLU A 146 20.65 -20.89 10.50
C GLU A 146 21.52 -19.75 11.04
N VAL A 147 21.98 -18.88 10.13
CA VAL A 147 22.93 -17.82 10.49
C VAL A 147 22.36 -16.41 10.27
N TYR A 148 22.58 -15.53 11.24
CA TYR A 148 22.06 -14.17 11.17
C TYR A 148 23.16 -13.11 11.12
N LEU A 149 22.92 -12.06 10.36
CA LEU A 149 23.75 -10.87 10.35
C LEU A 149 23.15 -9.85 11.30
N ASN A 150 23.98 -9.28 12.17
CA ASN A 150 23.54 -8.27 13.11
C ASN A 150 24.21 -6.95 12.81
N LEU A 151 23.42 -5.94 12.48
CA LEU A 151 23.97 -4.62 12.21
C LEU A 151 23.79 -3.74 13.43
N VAL A 152 24.90 -3.27 14.01
CA VAL A 152 24.83 -2.45 15.20
C VAL A 152 24.87 -0.98 14.82
N LEU A 153 23.73 -0.31 14.98
CA LEU A 153 23.56 1.11 14.61
C LEU A 153 23.52 2.02 15.83
N ASP A 154 23.95 3.27 15.69
CA ASP A 154 23.70 4.26 16.72
C ASP A 154 22.19 4.34 16.97
N TYR A 155 21.78 4.38 18.23
CA TYR A 155 20.35 4.54 18.53
C TYR A 155 19.99 6.01 18.49
N VAL A 156 18.88 6.36 17.85
CA VAL A 156 18.40 7.75 17.81
C VAL A 156 16.98 7.81 18.44
N PRO A 157 16.73 8.77 19.35
CA PRO A 157 15.51 8.75 20.20
C PRO A 157 14.16 8.92 19.48
N GLU A 158 14.13 9.61 18.35
CA GLU A 158 12.87 9.88 17.69
C GLU A 158 12.89 9.67 16.18
N THR A 159 11.71 9.73 15.58
CA THR A 159 11.56 9.66 14.14
C THR A 159 10.62 10.77 13.69
N VAL A 160 10.73 11.16 12.43
CA VAL A 160 9.82 12.13 11.84
C VAL A 160 8.39 11.58 11.87
N TYR A 161 8.24 10.28 11.64
CA TYR A 161 6.90 9.66 11.74
C TYR A 161 6.24 9.96 13.08
N ARG A 162 6.98 9.72 14.17
CA ARG A 162 6.42 9.90 15.51
C ARG A 162 6.20 11.37 15.84
N VAL A 163 7.12 12.23 15.44
CA VAL A 163 6.98 13.64 15.74
C VAL A 163 5.80 14.26 14.96
N ALA A 164 5.66 13.94 13.68
CA ALA A 164 4.55 14.45 12.89
C ALA A 164 3.21 14.00 13.47
N ARG A 165 3.17 12.78 13.96
CA ARG A 165 1.97 12.23 14.59
C ARG A 165 1.60 12.99 15.86
N HIS A 166 2.60 13.36 16.65
CA HIS A 166 2.35 14.07 17.91
C HIS A 166 1.71 15.41 17.60
N TYR A 167 2.25 16.11 16.61
CA TYR A 167 1.67 17.38 16.19
C TYR A 167 0.27 17.19 15.58
N SER A 168 0.13 16.21 14.70
CA SER A 168 -1.16 15.95 14.06
C SER A 168 -2.25 15.68 15.10
N ARG A 169 -1.92 14.86 16.10
CA ARG A 169 -2.91 14.48 17.11
C ARG A 169 -3.27 15.68 17.97
N ALA A 170 -2.35 16.63 18.09
CA ALA A 170 -2.59 17.83 18.89
C ALA A 170 -3.22 18.94 18.08
N LYS A 171 -3.50 18.65 16.81
CA LYS A 171 -4.02 19.66 15.89
C LYS A 171 -3.09 20.87 15.80
N GLN A 172 -1.79 20.61 15.77
CA GLN A 172 -0.77 21.65 15.59
C GLN A 172 0.05 21.32 14.36
N THR A 173 0.72 22.32 13.79
CA THR A 173 1.68 22.07 12.73
C THR A 173 3.09 22.16 13.30
N LEU A 174 3.97 21.29 12.81
CA LEU A 174 5.38 21.37 13.14
C LEU A 174 5.90 22.74 12.70
N PRO A 175 6.56 23.48 13.61
CA PRO A 175 7.08 24.80 13.23
C PRO A 175 7.97 24.72 11.99
N VAL A 176 7.83 25.69 11.09
CA VAL A 176 8.54 25.68 9.81
C VAL A 176 10.07 25.59 10.00
N ILE A 177 10.58 26.14 11.10
CA ILE A 177 12.03 26.06 11.35
C ILE A 177 12.48 24.59 11.41
N TYR A 178 11.65 23.72 11.99
CA TYR A 178 12.00 22.31 12.01
C TYR A 178 11.80 21.66 10.64
N VAL A 179 10.80 22.12 9.89
CA VAL A 179 10.62 21.64 8.52
C VAL A 179 11.85 21.99 7.67
N LYS A 180 12.36 23.21 7.83
CA LYS A 180 13.58 23.57 7.12
C LYS A 180 14.73 22.66 7.56
N LEU A 181 14.98 22.58 8.86
CA LEU A 181 16.09 21.78 9.37
C LEU A 181 16.07 20.34 8.93
N TYR A 182 14.91 19.70 9.06
CA TYR A 182 14.80 18.27 8.80
C TYR A 182 14.95 17.98 7.31
N MET A 183 14.22 18.71 6.49
CA MET A 183 14.26 18.50 5.05
C MET A 183 15.66 18.83 4.48
N TYR A 184 16.27 19.91 4.96
CA TYR A 184 17.63 20.23 4.50
C TYR A 184 18.58 19.07 4.73
N GLN A 185 18.53 18.49 5.94
CA GLN A 185 19.44 17.41 6.28
C GLN A 185 19.12 16.15 5.49
N LEU A 186 17.85 15.94 5.19
CA LEU A 186 17.47 14.80 4.36
C LEU A 186 18.06 14.98 2.96
N PHE A 187 17.94 16.19 2.41
CA PHE A 187 18.51 16.42 1.08
C PHE A 187 20.04 16.31 1.07
N ARG A 188 20.69 16.71 2.16
CA ARG A 188 22.14 16.48 2.27
C ARG A 188 22.45 14.98 2.21
N SER A 189 21.73 14.17 3.00
CA SER A 189 22.02 12.75 3.02
C SER A 189 21.82 12.14 1.61
N LEU A 190 20.79 12.59 0.91
CA LEU A 190 20.53 12.12 -0.45
C LEU A 190 21.60 12.58 -1.44
N ALA A 191 22.02 13.83 -1.34
CA ALA A 191 23.13 14.28 -2.15
C ALA A 191 24.33 13.35 -1.99
N TYR A 192 24.62 12.98 -0.74
CA TYR A 192 25.76 12.13 -0.46
C TYR A 192 25.59 10.74 -1.07
N ILE A 193 24.49 10.05 -0.76
CA ILE A 193 24.39 8.69 -1.29
C ILE A 193 24.23 8.68 -2.82
N HIS A 194 23.49 9.63 -3.38
CA HIS A 194 23.36 9.68 -4.84
C HIS A 194 24.72 9.90 -5.53
N SER A 195 25.65 10.55 -4.84
CA SER A 195 26.94 10.83 -5.47
C SER A 195 27.72 9.54 -5.66
N PHE A 196 27.34 8.49 -4.95
CA PHE A 196 27.92 7.16 -5.16
C PHE A 196 27.10 6.33 -6.12
N GLY A 197 26.03 6.92 -6.65
CA GLY A 197 25.15 6.20 -7.55
C GLY A 197 24.10 5.39 -6.80
N ILE A 198 24.08 5.53 -5.47
CA ILE A 198 23.20 4.74 -4.62
C ILE A 198 21.85 5.40 -4.40
N CYS A 199 20.78 4.64 -4.66
CA CYS A 199 19.42 5.13 -4.44
C CYS A 199 18.83 4.42 -3.23
N HIS A 200 18.18 5.16 -2.34
CA HIS A 200 17.67 4.59 -1.08
C HIS A 200 16.43 3.72 -1.34
N ARG A 201 15.53 4.25 -2.17
CA ARG A 201 14.31 3.55 -2.65
C ARG A 201 13.24 3.31 -1.58
N ASP A 202 13.43 3.81 -0.36
CA ASP A 202 12.34 3.70 0.62
C ASP A 202 12.28 4.88 1.58
N ILE A 203 12.40 6.09 1.02
CA ILE A 203 12.34 7.32 1.79
C ILE A 203 10.93 7.51 2.32
N LYS A 204 10.80 7.63 3.64
CA LYS A 204 9.50 7.81 4.30
C LYS A 204 9.76 8.26 5.72
N PRO A 205 8.74 8.85 6.39
CA PRO A 205 8.97 9.41 7.72
C PRO A 205 9.53 8.44 8.75
N GLN A 206 9.15 7.16 8.68
CA GLN A 206 9.65 6.18 9.63
C GLN A 206 11.16 5.94 9.49
N ASN A 207 11.72 6.26 8.32
CA ASN A 207 13.14 6.04 8.08
C ASN A 207 13.98 7.28 8.29
N LEU A 208 13.38 8.29 8.92
CA LEU A 208 14.06 9.55 9.21
C LEU A 208 14.17 9.75 10.73
N LEU A 209 15.33 9.41 11.25
CA LEU A 209 15.54 9.46 12.69
C LEU A 209 15.87 10.89 13.14
N LEU A 210 15.46 11.25 14.34
CA LEU A 210 15.63 12.60 14.87
C LEU A 210 16.16 12.60 16.28
N ASP A 211 17.12 13.46 16.56
CA ASP A 211 17.42 13.80 17.95
C ASP A 211 16.75 15.14 18.28
N PRO A 212 15.72 15.11 19.14
CA PRO A 212 14.96 16.35 19.38
C PRO A 212 15.78 17.44 20.09
N ASP A 213 16.79 17.07 20.88
CA ASP A 213 17.59 18.09 21.56
C ASP A 213 18.48 18.88 20.59
N THR A 214 19.09 18.18 19.65
CA THR A 214 20.08 18.80 18.75
C THR A 214 19.50 19.13 17.38
N ALA A 215 18.29 18.62 17.11
CA ALA A 215 17.61 18.73 15.82
C ALA A 215 18.40 18.06 14.66
N VAL A 216 19.26 17.11 14.99
CA VAL A 216 19.95 16.35 13.95
C VAL A 216 19.02 15.29 13.34
N LEU A 217 18.96 15.23 12.02
CA LEU A 217 18.24 14.14 11.32
C LEU A 217 19.23 13.14 10.74
N LYS A 218 18.91 11.84 10.84
CA LYS A 218 19.72 10.80 10.23
C LYS A 218 18.87 9.82 9.43
N LEU A 219 19.25 9.64 8.17
CA LEU A 219 18.61 8.71 7.27
C LEU A 219 18.95 7.26 7.67
N CYS A 220 17.97 6.37 7.61
CA CYS A 220 18.19 5.02 8.08
C CYS A 220 17.47 4.01 7.17
N ASP A 221 17.66 2.72 7.50
CA ASP A 221 17.13 1.57 6.75
C ASP A 221 17.59 1.54 5.30
N PHE A 222 18.73 0.89 5.07
CA PHE A 222 19.23 0.73 3.71
C PHE A 222 18.93 -0.66 3.15
N GLY A 223 17.88 -1.29 3.68
CA GLY A 223 17.48 -2.61 3.23
C GLY A 223 16.92 -2.64 1.81
N SER A 224 16.49 -1.48 1.30
CA SER A 224 16.03 -1.42 -0.09
C SER A 224 17.04 -0.76 -1.03
N ALA A 225 18.11 -0.22 -0.47
CA ALA A 225 19.05 0.60 -1.24
C ALA A 225 19.74 -0.21 -2.32
N LYS A 226 20.05 0.47 -3.42
CA LYS A 226 20.77 -0.15 -4.53
C LYS A 226 21.58 0.87 -5.30
N GLN A 227 22.76 0.45 -5.74
CA GLN A 227 23.51 1.24 -6.71
C GLN A 227 22.88 1.09 -8.10
N LEU A 228 22.26 2.15 -8.59
CA LEU A 228 21.57 2.05 -9.87
C LEU A 228 22.57 2.18 -11.01
N VAL A 229 22.44 1.30 -12.00
CA VAL A 229 23.33 1.30 -13.16
C VAL A 229 22.48 1.46 -14.40
N ARG A 230 22.80 2.47 -15.21
CA ARG A 230 22.02 2.77 -16.41
C ARG A 230 21.98 1.57 -17.35
N GLY A 231 20.78 1.22 -17.80
CA GLY A 231 20.61 0.10 -18.71
C GLY A 231 20.40 -1.24 -18.02
N GLU A 232 20.56 -1.27 -16.70
CA GLU A 232 20.32 -2.51 -15.96
C GLU A 232 19.02 -2.37 -15.18
N PRO A 233 18.05 -3.29 -15.42
CA PRO A 233 16.73 -3.19 -14.79
C PRO A 233 16.76 -3.24 -13.27
N ASN A 234 15.74 -2.65 -12.65
CA ASN A 234 15.54 -2.67 -11.20
C ASN A 234 14.09 -3.02 -10.92
N VAL A 235 13.81 -3.66 -9.79
CA VAL A 235 12.43 -4.02 -9.46
C VAL A 235 11.61 -2.75 -9.23
N SER A 236 10.37 -2.75 -9.71
CA SER A 236 9.53 -1.58 -9.55
C SER A 236 8.88 -1.53 -8.16
N TYR A 237 8.86 -2.65 -7.46
CA TYR A 237 7.95 -2.80 -6.30
C TYR A 237 8.56 -2.34 -4.98
N ILE A 238 9.63 -1.54 -5.06
CA ILE A 238 10.16 -0.92 -3.85
C ILE A 238 9.37 0.37 -3.53
N CYS A 239 9.71 0.98 -2.40
CA CYS A 239 9.16 2.25 -1.91
C CYS A 239 7.75 2.03 -1.35
N SER A 240 7.39 2.84 -0.36
CA SER A 240 6.20 2.57 0.45
C SER A 240 5.00 3.46 0.11
N ARG A 241 3.81 2.92 0.37
CA ARG A 241 2.53 3.61 0.24
C ARG A 241 2.57 5.08 0.71
N TYR A 242 2.12 5.97 -0.18
CA TYR A 242 2.07 7.45 -0.04
C TYR A 242 3.30 8.12 -0.65
N TYR A 243 4.44 7.43 -0.69
CA TYR A 243 5.71 8.11 -1.04
C TYR A 243 6.26 7.64 -2.37
N ARG A 244 5.49 6.87 -3.12
CA ARG A 244 6.01 6.30 -4.36
C ARG A 244 5.87 7.25 -5.55
N ALA A 245 6.97 7.41 -6.29
CA ALA A 245 6.96 8.22 -7.51
C ALA A 245 6.01 7.61 -8.52
N PRO A 246 5.39 8.45 -9.36
CA PRO A 246 4.42 7.92 -10.33
C PRO A 246 5.05 6.91 -11.29
N GLU A 247 6.34 7.02 -11.61
CA GLU A 247 6.95 6.04 -12.51
C GLU A 247 7.00 4.65 -11.83
N LEU A 248 7.16 4.61 -10.51
CA LEU A 248 7.05 3.35 -9.77
C LEU A 248 5.61 2.79 -9.79
N ILE A 249 4.63 3.67 -9.59
CA ILE A 249 3.23 3.21 -9.59
C ILE A 249 2.90 2.58 -10.95
N PHE A 250 3.43 3.19 -12.01
CA PHE A 250 3.29 2.65 -13.36
C PHE A 250 4.17 1.42 -13.60
N GLY A 251 4.88 0.95 -12.59
CA GLY A 251 5.67 -0.26 -12.72
C GLY A 251 6.99 -0.16 -13.49
N ALA A 252 7.57 1.04 -13.59
CA ALA A 252 8.83 1.20 -14.32
C ALA A 252 9.98 0.43 -13.67
N THR A 253 10.84 -0.14 -14.50
CA THR A 253 12.03 -0.84 -14.03
C THR A 253 13.31 -0.07 -14.41
N ASP A 254 13.17 1.04 -15.13
CA ASP A 254 14.33 1.80 -15.60
C ASP A 254 14.43 3.18 -14.96
N TYR A 255 13.95 3.30 -13.73
CA TYR A 255 13.96 4.57 -13.01
C TYR A 255 15.34 4.98 -12.50
N THR A 256 15.41 6.18 -11.95
CA THR A 256 16.67 6.76 -11.49
C THR A 256 16.58 7.16 -10.03
N SER A 257 17.65 7.76 -9.52
CA SER A 257 17.68 8.21 -8.14
C SER A 257 16.67 9.33 -7.87
N SER A 258 16.12 9.93 -8.92
CA SER A 258 15.11 10.97 -8.70
C SER A 258 13.83 10.43 -8.03
N ILE A 259 13.69 9.11 -7.91
CA ILE A 259 12.54 8.60 -7.14
C ILE A 259 12.65 8.98 -5.65
N ASP A 260 13.88 9.05 -5.12
CA ASP A 260 14.10 9.49 -3.74
C ASP A 260 13.69 10.95 -3.56
N VAL A 261 13.90 11.76 -4.61
CA VAL A 261 13.53 13.17 -4.56
C VAL A 261 11.99 13.32 -4.52
N TRP A 262 11.28 12.54 -5.33
CA TRP A 262 9.82 12.53 -5.23
C TRP A 262 9.37 12.18 -3.82
N SER A 263 9.93 11.11 -3.25
CA SER A 263 9.56 10.69 -1.91
C SER A 263 9.82 11.80 -0.88
N ALA A 264 10.96 12.47 -1.04
CA ALA A 264 11.32 13.59 -0.15
C ALA A 264 10.30 14.73 -0.27
N GLY A 265 9.89 15.06 -1.49
CA GLY A 265 8.83 16.02 -1.72
C GLY A 265 7.53 15.67 -1.01
N CYS A 266 7.18 14.38 -0.99
CA CYS A 266 5.97 13.93 -0.29
C CYS A 266 6.11 14.14 1.22
N VAL A 267 7.34 13.96 1.73
CA VAL A 267 7.55 14.16 3.16
C VAL A 267 7.42 15.64 3.50
N LEU A 268 8.03 16.48 2.68
CA LEU A 268 7.94 17.94 2.86
C LEU A 268 6.47 18.40 2.86
N ALA A 269 5.72 18.00 1.84
CA ALA A 269 4.31 18.36 1.75
C ALA A 269 3.52 17.87 2.98
N GLU A 270 3.85 16.67 3.45
CA GLU A 270 3.16 16.08 4.61
C GLU A 270 3.44 16.86 5.89
N LEU A 271 4.68 17.30 6.08
CA LEU A 271 5.02 18.12 7.24
C LEU A 271 4.29 19.46 7.20
N LEU A 272 4.10 20.01 6.01
CA LEU A 272 3.38 21.27 5.87
C LEU A 272 1.87 21.09 6.05
N LEU A 273 1.34 19.99 5.54
CA LEU A 273 -0.10 19.76 5.53
C LEU A 273 -0.63 19.19 6.84
N GLY A 274 0.17 18.37 7.51
CA GLY A 274 -0.30 17.70 8.71
C GLY A 274 -0.88 16.33 8.38
N GLN A 275 -0.82 15.95 7.11
CA GLN A 275 -1.30 14.64 6.66
C GLN A 275 -0.66 14.36 5.31
N PRO A 276 -0.60 13.08 4.89
CA PRO A 276 0.04 12.77 3.60
C PRO A 276 -0.65 13.48 2.44
N ILE A 277 0.10 13.87 1.41
CA ILE A 277 -0.50 14.62 0.32
C ILE A 277 -1.15 13.72 -0.74
N PHE A 278 -0.60 12.52 -0.94
CA PHE A 278 -1.14 11.59 -1.94
C PHE A 278 -1.53 10.27 -1.30
N PRO A 279 -2.57 10.25 -0.45
CA PRO A 279 -2.94 9.03 0.24
C PRO A 279 -3.66 8.02 -0.68
N GLY A 280 -3.92 6.83 -0.15
CA GLY A 280 -4.63 5.77 -0.88
C GLY A 280 -3.94 4.44 -0.71
N ASP A 281 -4.73 3.37 -0.64
CA ASP A 281 -4.20 2.04 -0.35
C ASP A 281 -3.91 1.26 -1.63
N SER A 282 -4.29 1.83 -2.77
CA SER A 282 -4.00 1.26 -4.08
C SER A 282 -3.28 2.29 -4.94
N GLY A 283 -2.53 1.81 -5.92
CA GLY A 283 -1.86 2.70 -6.87
C GLY A 283 -2.86 3.58 -7.59
N VAL A 284 -4.04 3.05 -7.92
CA VAL A 284 -5.03 3.86 -8.63
C VAL A 284 -5.53 5.04 -7.76
N ASP A 285 -5.80 4.79 -6.47
CA ASP A 285 -6.19 5.87 -5.55
C ASP A 285 -5.07 6.93 -5.42
N GLN A 286 -3.83 6.46 -5.22
CA GLN A 286 -2.70 7.38 -5.12
C GLN A 286 -2.56 8.22 -6.38
N LEU A 287 -2.70 7.59 -7.53
CA LEU A 287 -2.57 8.29 -8.80
C LEU A 287 -3.64 9.37 -8.96
N VAL A 288 -4.86 9.06 -8.53
CA VAL A 288 -5.95 10.03 -8.55
C VAL A 288 -5.62 11.24 -7.70
N GLU A 289 -5.05 10.99 -6.52
CA GLU A 289 -4.68 12.10 -5.64
C GLU A 289 -3.58 12.95 -6.25
N ILE A 290 -2.65 12.29 -6.93
CA ILE A 290 -1.57 12.99 -7.61
C ILE A 290 -2.13 13.86 -8.73
N ILE A 291 -3.00 13.27 -9.55
CA ILE A 291 -3.61 13.97 -10.66
C ILE A 291 -4.47 15.14 -10.20
N LYS A 292 -5.16 15.00 -9.07
CA LYS A 292 -5.93 16.12 -8.51
C LYS A 292 -5.05 17.35 -8.18
N VAL A 293 -3.76 17.14 -7.96
CA VAL A 293 -2.86 18.25 -7.66
C VAL A 293 -2.09 18.69 -8.91
N LEU A 294 -1.44 17.75 -9.59
CA LEU A 294 -0.58 18.07 -10.73
C LEU A 294 -1.33 18.17 -12.06
N GLY A 295 -2.60 17.77 -12.08
CA GLY A 295 -3.32 17.69 -13.33
C GLY A 295 -2.99 16.37 -14.02
N THR A 296 -3.76 16.03 -15.05
CA THR A 296 -3.51 14.80 -15.81
C THR A 296 -2.13 14.89 -16.48
N PRO A 297 -1.33 13.82 -16.37
CA PRO A 297 -0.04 13.84 -17.08
C PRO A 297 -0.23 13.79 -18.59
N THR A 298 0.62 14.50 -19.32
CA THR A 298 0.59 14.46 -20.77
C THR A 298 1.15 13.14 -21.30
N ARG A 299 0.95 12.90 -22.60
CA ARG A 299 1.50 11.71 -23.24
C ARG A 299 3.03 11.67 -23.08
N GLU A 300 3.68 12.80 -23.31
CA GLU A 300 5.13 12.92 -23.12
C GLU A 300 5.51 12.63 -21.66
N GLN A 301 4.76 13.19 -20.73
CA GLN A 301 5.06 13.00 -19.31
C GLN A 301 4.90 11.53 -18.95
N ILE A 302 3.89 10.90 -19.54
CA ILE A 302 3.68 9.48 -19.34
C ILE A 302 4.84 8.70 -19.93
N ARG A 303 5.23 9.06 -21.15
CA ARG A 303 6.35 8.41 -21.83
C ARG A 303 7.63 8.46 -21.00
N GLU A 304 7.87 9.58 -20.34
CA GLU A 304 9.04 9.73 -19.47
C GLU A 304 8.89 8.94 -18.17
N MET A 305 7.66 8.60 -17.80
CA MET A 305 7.42 7.79 -16.62
C MET A 305 7.39 6.30 -16.98
N ASN A 306 6.51 5.94 -17.91
CA ASN A 306 6.46 4.59 -18.44
C ASN A 306 5.71 4.54 -19.76
N PRO A 307 6.43 4.22 -20.86
CA PRO A 307 5.79 3.94 -22.15
C PRO A 307 4.80 2.78 -22.04
N ASN A 308 3.93 2.63 -23.04
CA ASN A 308 2.88 1.60 -23.01
C ASN A 308 1.81 1.84 -21.92
N TYR A 309 2.00 2.85 -21.08
CA TYR A 309 0.93 3.31 -20.22
C TYR A 309 0.22 4.49 -20.88
N THR A 310 0.74 4.90 -22.04
CA THR A 310 -0.01 5.74 -22.95
C THR A 310 -1.19 4.91 -23.46
N GLU A 311 -2.14 5.55 -24.11
CA GLU A 311 -3.35 4.88 -24.63
C GLU A 311 -4.25 4.31 -23.53
N PHE A 312 -3.85 4.46 -22.27
CA PHE A 312 -4.74 4.14 -21.15
C PHE A 312 -5.60 5.34 -20.82
N LYS A 313 -6.82 5.08 -20.35
CA LYS A 313 -7.73 6.15 -19.97
C LYS A 313 -7.39 6.71 -18.59
N PHE A 314 -7.15 8.01 -18.52
CA PHE A 314 -6.87 8.65 -17.24
C PHE A 314 -7.94 9.69 -16.93
N PRO A 315 -8.20 9.91 -15.62
CA PRO A 315 -9.02 11.02 -15.16
C PRO A 315 -8.54 12.34 -15.77
N GLN A 316 -9.40 13.00 -16.55
CA GLN A 316 -9.01 14.22 -17.23
C GLN A 316 -9.26 15.45 -16.35
N ILE A 317 -8.34 15.69 -15.42
CA ILE A 317 -8.49 16.77 -14.44
C ILE A 317 -7.45 17.86 -14.65
N LYS A 318 -7.89 19.11 -14.49
CA LYS A 318 -7.00 20.27 -14.61
C LYS A 318 -6.17 20.45 -13.34
N ALA A 319 -4.96 21.00 -13.50
CA ALA A 319 -4.04 21.15 -12.37
C ALA A 319 -4.59 22.10 -11.32
N HIS A 320 -4.31 21.78 -10.06
CA HIS A 320 -4.67 22.66 -8.96
C HIS A 320 -3.51 23.61 -8.64
N PRO A 321 -3.82 24.90 -8.44
CA PRO A 321 -2.81 25.89 -8.03
C PRO A 321 -2.14 25.47 -6.74
N TRP A 322 -0.83 25.27 -6.78
CA TRP A 322 -0.07 24.80 -5.63
C TRP A 322 -0.32 25.61 -4.36
N THR A 323 -0.57 26.91 -4.53
CA THR A 323 -0.85 27.78 -3.39
C THR A 323 -2.08 27.33 -2.62
N LYS A 324 -3.11 26.89 -3.34
CA LYS A 324 -4.37 26.47 -2.73
C LYS A 324 -4.32 25.04 -2.18
N VAL A 325 -3.18 24.37 -2.36
CA VAL A 325 -2.99 23.05 -1.80
C VAL A 325 -2.70 23.14 -0.31
N PHE A 326 -1.95 24.16 0.08
CA PHE A 326 -1.55 24.33 1.48
C PHE A 326 -2.36 25.40 2.20
N ARG A 327 -2.28 25.40 3.53
CA ARG A 327 -2.95 26.40 4.35
C ARG A 327 -2.48 27.80 3.98
N PRO A 328 -3.32 28.82 4.23
CA PRO A 328 -2.93 30.20 3.95
C PRO A 328 -1.62 30.65 4.63
N ARG A 329 -1.31 30.09 5.80
CA ARG A 329 -0.09 30.49 6.53
C ARG A 329 1.22 30.09 5.83
N THR A 330 1.15 29.12 4.93
CA THR A 330 2.34 28.45 4.38
C THR A 330 3.31 29.38 3.64
N PRO A 331 4.60 29.33 3.98
CA PRO A 331 5.59 30.17 3.28
C PRO A 331 5.64 29.83 1.79
N PRO A 332 5.63 30.85 0.93
CA PRO A 332 5.63 30.66 -0.52
C PRO A 332 6.86 29.90 -1.04
N GLU A 333 8.00 30.05 -0.37
CA GLU A 333 9.20 29.31 -0.78
C GLU A 333 9.05 27.81 -0.50
N ALA A 334 8.29 27.46 0.52
CA ALA A 334 8.01 26.05 0.81
C ALA A 334 7.17 25.46 -0.33
N ILE A 335 6.20 26.24 -0.79
CA ILE A 335 5.33 25.82 -1.88
C ILE A 335 6.10 25.71 -3.20
N ALA A 336 6.96 26.69 -3.45
CA ALA A 336 7.80 26.69 -4.65
C ALA A 336 8.69 25.45 -4.68
N LEU A 337 9.34 25.15 -3.55
CA LEU A 337 10.19 23.96 -3.43
C LEU A 337 9.38 22.68 -3.69
N CYS A 338 8.22 22.57 -3.06
CA CYS A 338 7.36 21.41 -3.27
C CYS A 338 7.10 21.17 -4.75
N SER A 339 6.73 22.24 -5.46
CA SER A 339 6.34 22.11 -6.86
C SER A 339 7.51 21.71 -7.77
N ARG A 340 8.73 21.87 -7.27
CA ARG A 340 9.91 21.54 -8.06
C ARG A 340 10.45 20.14 -7.74
N LEU A 341 9.95 19.55 -6.67
CA LEU A 341 10.26 18.17 -6.29
C LEU A 341 9.22 17.20 -6.86
N LEU A 342 7.95 17.60 -6.76
CA LEU A 342 6.84 16.76 -7.19
C LEU A 342 6.47 17.08 -8.63
N GLU A 343 7.34 16.65 -9.53
CA GLU A 343 7.17 16.84 -10.96
C GLU A 343 6.98 15.47 -11.59
N TYR A 344 6.12 15.38 -12.59
CA TYR A 344 5.90 14.12 -13.28
C TYR A 344 7.17 13.63 -13.95
N THR A 345 7.80 14.51 -14.73
CA THR A 345 9.00 14.13 -15.47
C THR A 345 10.15 14.03 -14.47
N PRO A 346 10.68 12.81 -14.31
CA PRO A 346 11.71 12.56 -13.29
C PRO A 346 12.94 13.45 -13.46
N THR A 347 13.34 13.73 -14.71
CA THR A 347 14.53 14.58 -14.94
C THR A 347 14.25 16.06 -14.71
N ALA A 348 12.99 16.43 -14.53
CA ALA A 348 12.65 17.82 -14.24
C ALA A 348 12.71 18.14 -12.73
N ARG A 349 12.76 17.09 -11.91
CA ARG A 349 12.86 17.27 -10.46
C ARG A 349 14.21 17.85 -10.07
N LEU A 350 14.24 18.60 -8.97
CA LEU A 350 15.49 19.14 -8.45
C LEU A 350 16.39 18.00 -7.99
N THR A 351 17.69 18.16 -8.12
CA THR A 351 18.62 17.23 -7.48
C THR A 351 18.63 17.56 -6.00
N PRO A 352 19.06 16.60 -5.16
CA PRO A 352 19.15 16.90 -3.73
C PRO A 352 20.05 18.12 -3.42
N LEU A 353 21.16 18.24 -4.13
CA LEU A 353 22.08 19.35 -3.86
C LEU A 353 21.42 20.68 -4.23
N GLU A 354 20.72 20.71 -5.37
CA GLU A 354 19.96 21.88 -5.76
C GLU A 354 18.91 22.24 -4.71
N ALA A 355 18.24 21.22 -4.17
CA ALA A 355 17.22 21.44 -3.14
C ALA A 355 17.84 22.11 -1.91
N CYS A 356 18.98 21.61 -1.46
CA CYS A 356 19.73 22.22 -0.36
C CYS A 356 19.97 23.70 -0.57
N ALA A 357 20.21 24.09 -1.83
CA ALA A 357 20.50 25.48 -2.15
C ALA A 357 19.24 26.31 -2.39
N HIS A 358 18.06 25.69 -2.31
CA HIS A 358 16.83 26.42 -2.52
C HIS A 358 16.60 27.53 -1.47
N SER A 359 15.91 28.59 -1.86
CA SER A 359 15.67 29.75 -0.98
C SER A 359 14.87 29.40 0.30
N PHE A 360 14.07 28.34 0.24
CA PHE A 360 13.34 27.87 1.41
C PHE A 360 14.29 27.64 2.60
N PHE A 361 15.53 27.28 2.31
CA PHE A 361 16.50 27.02 3.37
C PHE A 361 17.39 28.23 3.70
N ASP A 362 17.10 29.39 3.13
CA ASP A 362 17.93 30.58 3.40
C ASP A 362 18.04 30.89 4.89
N GLU A 363 16.96 30.70 5.63
CA GLU A 363 16.99 30.99 7.07
C GLU A 363 18.07 30.19 7.79
N LEU A 364 18.31 28.96 7.32
CA LEU A 364 19.35 28.13 7.91
C LEU A 364 20.74 28.71 7.69
N ARG A 365 20.90 29.54 6.67
CA ARG A 365 22.19 30.14 6.35
C ARG A 365 22.36 31.53 7.00
N ASP A 366 21.40 31.92 7.83
CA ASP A 366 21.51 33.17 8.59
C ASP A 366 22.45 32.98 9.78
N PRO A 367 23.46 33.85 9.93
CA PRO A 367 24.39 33.72 11.06
C PRO A 367 23.72 33.83 12.43
N ASN A 368 22.55 34.45 12.51
CA ASN A 368 21.86 34.58 13.80
C ASN A 368 20.85 33.48 14.11
N VAL A 369 20.70 32.49 13.23
CA VAL A 369 19.68 31.48 13.47
C VAL A 369 20.02 30.62 14.70
N LYS A 370 19.01 30.28 15.49
CA LYS A 370 19.15 29.36 16.61
C LYS A 370 17.97 28.38 16.66
N LEU A 371 18.11 27.28 17.39
CA LEU A 371 16.99 26.36 17.63
C LEU A 371 16.00 26.99 18.62
N PRO A 372 14.74 26.53 18.60
CA PRO A 372 13.76 27.01 19.59
C PRO A 372 14.16 26.69 21.02
N ASN A 373 14.98 25.67 21.25
CA ASN A 373 15.38 25.35 22.63
C ASN A 373 16.56 26.20 23.11
N GLY A 374 17.04 27.08 22.23
CA GLY A 374 18.07 28.01 22.62
C GLY A 374 19.46 27.64 22.10
N ARG A 375 19.64 26.39 21.68
CA ARG A 375 20.95 25.93 21.23
C ARG A 375 21.27 26.37 19.81
N ASP A 376 22.53 26.27 19.42
CA ASP A 376 22.89 26.44 18.00
C ASP A 376 22.37 25.28 17.16
N THR A 377 22.14 25.57 15.88
CA THR A 377 21.82 24.55 14.90
C THR A 377 22.98 23.56 14.81
N PRO A 378 22.70 22.34 14.34
CA PRO A 378 23.78 21.37 14.09
C PRO A 378 24.61 21.80 12.89
N ALA A 379 25.70 21.08 12.62
CA ALA A 379 26.58 21.44 11.51
C ALA A 379 25.90 21.21 10.17
N LEU A 380 25.66 22.29 9.43
CA LEU A 380 24.90 22.23 8.18
C LEU A 380 25.76 22.51 6.94
N PHE A 381 27.00 22.93 7.16
CA PHE A 381 27.80 23.49 6.08
C PHE A 381 29.12 22.75 5.82
N ASN A 382 29.36 21.65 6.53
CA ASN A 382 30.62 20.94 6.40
C ASN A 382 30.64 20.00 5.18
N PHE A 383 30.40 20.56 4.00
CA PHE A 383 30.37 19.78 2.76
C PHE A 383 31.75 19.28 2.34
N THR A 384 31.78 18.06 1.78
CA THR A 384 33.00 17.50 1.20
C THR A 384 32.94 17.66 -0.31
N THR A 385 34.08 17.43 -0.97
CA THR A 385 34.15 17.42 -2.42
C THR A 385 33.16 16.39 -3.01
N GLN A 386 33.12 15.20 -2.44
CA GLN A 386 32.21 14.15 -2.90
C GLN A 386 30.75 14.62 -2.91
N GLU A 387 30.34 15.23 -1.80
CA GLU A 387 28.99 15.71 -1.61
C GLU A 387 28.58 16.77 -2.64
N LEU A 388 29.53 17.61 -3.02
CA LEU A 388 29.29 18.73 -3.92
C LEU A 388 29.50 18.37 -5.38
N SER A 389 29.98 17.15 -5.61
CA SER A 389 30.45 16.75 -6.94
C SER A 389 29.40 16.83 -8.05
N SER A 390 28.11 16.79 -7.73
CA SER A 390 27.10 16.90 -8.79
C SER A 390 27.06 18.32 -9.37
N ASN A 391 27.51 19.29 -8.58
CA ASN A 391 27.46 20.70 -8.96
C ASN A 391 28.33 21.56 -8.04
N PRO A 392 29.65 21.48 -8.20
CA PRO A 392 30.57 22.20 -7.30
C PRO A 392 30.27 23.70 -7.12
N PRO A 393 29.90 24.44 -8.19
CA PRO A 393 29.65 25.87 -7.95
C PRO A 393 28.55 26.18 -6.94
N LEU A 394 27.66 25.24 -6.60
CA LEU A 394 26.66 25.50 -5.59
C LEU A 394 27.30 25.80 -4.22
N ALA A 395 28.58 25.50 -4.08
CA ALA A 395 29.31 25.74 -2.84
C ALA A 395 29.16 27.20 -2.40
N THR A 396 29.08 28.12 -3.36
CA THR A 396 29.03 29.54 -3.03
C THR A 396 27.72 29.93 -2.36
N ILE A 397 26.66 29.17 -2.63
CA ILE A 397 25.40 29.32 -1.90
C ILE A 397 25.42 28.50 -0.62
N LEU A 398 25.84 27.25 -0.74
CA LEU A 398 25.68 26.30 0.36
C LEU A 398 26.54 26.60 1.57
N ILE A 399 27.71 27.21 1.34
CA ILE A 399 28.61 27.50 2.44
C ILE A 399 28.71 29.01 2.64
N PRO A 400 27.96 29.55 3.63
CA PRO A 400 27.84 31.00 3.84
C PRO A 400 29.12 31.60 4.45
N PRO A 401 29.29 32.92 4.33
CA PRO A 401 30.54 33.58 4.76
C PRO A 401 30.95 33.23 6.18
N HIS A 402 29.97 33.01 7.08
CA HIS A 402 30.27 32.86 8.49
C HIS A 402 30.58 31.41 8.87
N ALA A 403 30.42 30.49 7.93
CA ALA A 403 30.65 29.08 8.19
C ALA A 403 32.13 28.76 8.35
N LYS B 57 -34.31 18.25 5.83
CA LYS B 57 -34.04 18.59 4.44
C LYS B 57 -34.35 17.42 3.51
N VAL B 58 -35.46 17.52 2.79
CA VAL B 58 -35.89 16.47 1.88
C VAL B 58 -35.42 16.76 0.45
N THR B 59 -34.70 15.81 -0.13
CA THR B 59 -34.20 15.93 -1.49
C THR B 59 -35.04 15.11 -2.46
N THR B 60 -35.49 15.71 -3.56
CA THR B 60 -36.28 14.98 -4.55
C THR B 60 -35.64 15.02 -5.94
N VAL B 61 -35.46 13.85 -6.52
CA VAL B 61 -34.85 13.73 -7.84
C VAL B 61 -35.66 12.79 -8.72
N VAL B 62 -35.49 12.91 -10.04
CA VAL B 62 -36.02 11.92 -10.97
C VAL B 62 -34.88 10.99 -11.38
N ALA B 63 -34.92 9.76 -10.86
CA ALA B 63 -33.81 8.82 -11.00
C ALA B 63 -34.16 7.63 -11.88
N THR B 64 -33.14 7.05 -12.51
CA THR B 64 -33.32 5.90 -13.39
C THR B 64 -33.08 4.60 -12.63
N PRO B 65 -34.02 3.65 -12.71
CA PRO B 65 -33.85 2.38 -12.01
C PRO B 65 -32.61 1.64 -12.49
N GLY B 66 -31.92 0.96 -11.58
CA GLY B 66 -30.67 0.30 -11.90
C GLY B 66 -30.87 -0.86 -12.87
N GLN B 67 -32.01 -1.53 -12.75
CA GLN B 67 -32.30 -2.70 -13.57
C GLN B 67 -33.58 -2.51 -14.36
N GLY B 68 -33.70 -3.25 -15.47
CA GLY B 68 -34.88 -3.19 -16.30
C GLY B 68 -34.82 -2.03 -17.27
N PRO B 69 -35.94 -1.78 -17.96
CA PRO B 69 -36.01 -0.70 -18.96
C PRO B 69 -35.94 0.68 -18.31
N ASP B 70 -35.46 1.65 -19.08
CA ASP B 70 -35.29 3.01 -18.61
C ASP B 70 -36.66 3.67 -18.33
N ARG B 71 -37.09 3.61 -17.08
CA ARG B 71 -38.35 4.24 -16.69
C ARG B 71 -38.12 5.04 -15.41
N PRO B 72 -37.69 6.30 -15.57
CA PRO B 72 -37.29 7.10 -14.41
C PRO B 72 -38.45 7.31 -13.43
N GLN B 73 -38.11 7.43 -12.16
CA GLN B 73 -39.09 7.63 -11.09
C GLN B 73 -38.70 8.81 -10.22
N GLU B 74 -39.70 9.51 -9.68
CA GLU B 74 -39.45 10.48 -8.63
C GLU B 74 -39.03 9.74 -7.38
N VAL B 75 -37.91 10.14 -6.81
CA VAL B 75 -37.40 9.52 -5.59
C VAL B 75 -37.07 10.61 -4.59
N SER B 76 -37.65 10.51 -3.40
CA SER B 76 -37.36 11.48 -2.34
C SER B 76 -36.56 10.84 -1.22
N TYR B 77 -35.56 11.54 -0.71
CA TYR B 77 -34.79 11.03 0.40
C TYR B 77 -34.39 12.11 1.39
N THR B 78 -34.05 11.68 2.59
CA THR B 78 -33.74 12.61 3.67
C THR B 78 -32.68 12.01 4.58
N ASP B 79 -32.37 12.71 5.67
CA ASP B 79 -31.39 12.26 6.68
C ASP B 79 -30.03 11.93 6.09
N THR B 80 -29.56 12.75 5.15
CA THR B 80 -28.30 12.46 4.47
C THR B 80 -27.09 12.70 5.37
N LYS B 81 -26.20 11.71 5.43
CA LYS B 81 -24.95 11.84 6.15
C LYS B 81 -23.82 11.10 5.42
N VAL B 82 -22.60 11.59 5.59
CA VAL B 82 -21.44 10.99 4.93
C VAL B 82 -21.02 9.71 5.65
N ILE B 83 -20.82 8.63 4.90
CA ILE B 83 -20.36 7.38 5.49
C ILE B 83 -19.10 6.89 4.81
N GLY B 84 -18.49 7.75 4.00
CA GLY B 84 -17.27 7.38 3.30
C GLY B 84 -16.72 8.43 2.38
N ASN B 85 -15.40 8.54 2.38
CA ASN B 85 -14.67 9.38 1.44
C ASN B 85 -13.65 8.54 0.70
N GLY B 86 -13.11 9.07 -0.39
CA GLY B 86 -12.08 8.36 -1.12
C GLY B 86 -11.67 9.16 -2.33
N SER B 87 -10.70 8.63 -3.08
CA SER B 87 -10.22 9.27 -4.30
C SER B 87 -11.35 9.43 -5.32
N PHE B 88 -12.32 8.51 -5.29
CA PHE B 88 -13.43 8.49 -6.23
C PHE B 88 -14.40 9.64 -6.01
N GLY B 89 -14.59 10.01 -4.75
CA GLY B 89 -15.60 10.99 -4.38
C GLY B 89 -16.13 10.72 -2.99
N VAL B 90 -17.45 10.70 -2.86
CA VAL B 90 -18.08 10.62 -1.55
C VAL B 90 -19.23 9.62 -1.54
N VAL B 91 -19.39 8.91 -0.43
CA VAL B 91 -20.53 8.03 -0.24
C VAL B 91 -21.39 8.56 0.90
N TYR B 92 -22.66 8.82 0.60
CA TYR B 92 -23.62 9.30 1.60
C TYR B 92 -24.59 8.18 1.98
N GLN B 93 -25.06 8.18 3.22
CA GLN B 93 -26.21 7.38 3.58
C GLN B 93 -27.44 8.27 3.53
N ALA B 94 -28.56 7.72 3.08
CA ALA B 94 -29.81 8.45 3.06
C ALA B 94 -30.97 7.54 3.40
N LYS B 95 -32.10 8.13 3.76
CA LYS B 95 -33.34 7.40 4.01
C LYS B 95 -34.38 7.74 2.94
N LEU B 96 -34.93 6.73 2.28
CA LEU B 96 -35.95 6.94 1.26
C LEU B 96 -37.28 7.30 1.91
N CYS B 97 -37.89 8.38 1.45
CA CYS B 97 -39.13 8.86 2.04
C CYS B 97 -40.27 7.86 1.86
N ASP B 98 -40.30 7.19 0.72
CA ASP B 98 -41.39 6.29 0.38
C ASP B 98 -41.47 5.09 1.30
N SER B 99 -40.34 4.43 1.53
CA SER B 99 -40.32 3.15 2.24
C SER B 99 -39.60 3.21 3.59
N GLY B 100 -38.81 4.26 3.81
CA GLY B 100 -38.01 4.35 5.01
C GLY B 100 -36.73 3.56 4.90
N GLU B 101 -36.55 2.87 3.77
CA GLU B 101 -35.36 2.05 3.56
C GLU B 101 -34.09 2.91 3.44
N LEU B 102 -32.98 2.37 3.92
CA LEU B 102 -31.71 3.07 3.87
C LEU B 102 -30.97 2.77 2.57
N VAL B 103 -30.35 3.79 1.99
CA VAL B 103 -29.53 3.61 0.82
C VAL B 103 -28.16 4.25 1.02
N ALA B 104 -27.20 3.81 0.22
CA ALA B 104 -25.90 4.45 0.16
C ALA B 104 -25.78 5.13 -1.19
N ILE B 105 -25.49 6.42 -1.20
CA ILE B 105 -25.35 7.11 -2.48
C ILE B 105 -23.88 7.42 -2.75
N LYS B 106 -23.33 6.75 -3.76
CA LYS B 106 -21.95 6.98 -4.18
C LYS B 106 -21.94 8.07 -5.23
N LYS B 107 -21.30 9.18 -4.92
CA LYS B 107 -21.32 10.34 -5.80
C LYS B 107 -19.94 10.60 -6.40
N VAL B 108 -19.85 10.53 -7.73
CA VAL B 108 -18.57 10.70 -8.43
C VAL B 108 -18.68 11.72 -9.58
N LEU B 109 -17.58 12.41 -9.83
CA LEU B 109 -17.51 13.35 -10.95
C LEU B 109 -17.67 12.57 -12.26
N GLN B 110 -18.45 13.11 -13.19
CA GLN B 110 -18.70 12.41 -14.45
C GLN B 110 -17.83 12.93 -15.58
N ASP B 111 -17.07 12.02 -16.20
CA ASP B 111 -16.25 12.37 -17.34
C ASP B 111 -17.11 12.77 -18.52
N LYS B 112 -16.84 13.93 -19.09
CA LYS B 112 -17.61 14.42 -20.23
C LYS B 112 -17.35 13.60 -21.48
N ARG B 113 -16.27 12.82 -21.46
CA ARG B 113 -15.78 12.15 -22.66
C ARG B 113 -16.46 10.82 -22.96
N PHE B 114 -16.90 10.10 -21.92
CA PHE B 114 -17.46 8.78 -22.14
C PHE B 114 -18.41 8.31 -21.05
N LYS B 115 -19.07 7.17 -21.31
CA LYS B 115 -19.94 6.55 -20.34
C LYS B 115 -19.11 6.03 -19.16
N ASN B 116 -19.65 6.22 -17.95
CA ASN B 116 -19.00 5.73 -16.75
C ASN B 116 -18.93 4.20 -16.75
N ARG B 117 -17.71 3.66 -16.59
CA ARG B 117 -17.49 2.21 -16.69
C ARG B 117 -18.15 1.47 -15.51
N GLU B 118 -18.01 2.02 -14.32
CA GLU B 118 -18.65 1.43 -13.14
C GLU B 118 -20.17 1.32 -13.32
N LEU B 119 -20.80 2.38 -13.84
CA LEU B 119 -22.24 2.37 -14.08
C LEU B 119 -22.64 1.29 -15.09
N GLN B 120 -21.92 1.24 -16.21
CA GLN B 120 -22.17 0.26 -17.26
C GLN B 120 -22.08 -1.17 -16.72
N ILE B 121 -21.12 -1.42 -15.86
CA ILE B 121 -20.94 -2.75 -15.27
C ILE B 121 -22.07 -3.07 -14.29
N MET B 122 -22.38 -2.12 -13.40
CA MET B 122 -23.41 -2.35 -12.39
C MET B 122 -24.83 -2.51 -12.95
N ARG B 123 -25.10 -1.91 -14.10
CA ARG B 123 -26.40 -2.06 -14.75
C ARG B 123 -26.59 -3.47 -15.31
N LYS B 124 -25.49 -4.21 -15.44
CA LYS B 124 -25.53 -5.56 -15.99
C LYS B 124 -25.64 -6.63 -14.90
N LEU B 125 -25.35 -6.26 -13.66
CA LEU B 125 -25.26 -7.24 -12.58
C LEU B 125 -26.56 -7.40 -11.81
N ASP B 126 -26.92 -8.64 -11.55
CA ASP B 126 -28.12 -8.96 -10.79
C ASP B 126 -27.87 -10.27 -10.05
N HIS B 127 -27.51 -10.16 -8.78
CA HIS B 127 -27.07 -11.31 -8.02
C HIS B 127 -27.18 -10.96 -6.54
N CYS B 128 -27.63 -11.94 -5.77
CA CYS B 128 -27.94 -11.73 -4.36
C CYS B 128 -26.69 -11.48 -3.51
N ASN B 129 -25.52 -11.85 -4.02
CA ASN B 129 -24.28 -11.57 -3.31
C ASN B 129 -23.50 -10.40 -3.91
N ILE B 130 -24.21 -9.54 -4.65
CA ILE B 130 -23.63 -8.28 -5.14
C ILE B 130 -24.54 -7.13 -4.75
N VAL B 131 -23.96 -6.05 -4.21
CA VAL B 131 -24.80 -4.94 -3.75
C VAL B 131 -25.64 -4.38 -4.91
N ARG B 132 -26.94 -4.24 -4.68
CA ARG B 132 -27.85 -3.82 -5.74
C ARG B 132 -27.77 -2.32 -6.04
N LEU B 133 -27.70 -1.98 -7.33
CA LEU B 133 -27.92 -0.62 -7.79
C LEU B 133 -29.43 -0.37 -7.90
N ARG B 134 -30.00 0.37 -6.96
CA ARG B 134 -31.43 0.68 -6.99
C ARG B 134 -31.76 1.70 -8.06
N TYR B 135 -31.04 2.83 -8.03
CA TYR B 135 -31.20 3.90 -9.01
C TYR B 135 -29.88 4.56 -9.32
N PHE B 136 -29.85 5.35 -10.40
CA PHE B 136 -28.77 6.31 -10.60
C PHE B 136 -29.35 7.60 -11.17
N PHE B 137 -28.65 8.70 -10.94
CA PHE B 137 -29.07 9.98 -11.48
C PHE B 137 -27.89 10.94 -11.56
N TYR B 138 -28.02 11.97 -12.39
CA TYR B 138 -27.00 12.98 -12.49
C TYR B 138 -27.41 14.25 -11.72
N SER B 139 -26.43 15.03 -11.30
CA SER B 139 -26.69 16.26 -10.55
C SER B 139 -25.49 17.20 -10.59
N SER B 140 -25.69 18.40 -10.05
CA SER B 140 -24.62 19.39 -9.93
C SER B 140 -23.81 19.15 -8.66
N GLY B 141 -22.90 20.07 -8.37
CA GLY B 141 -22.05 20.00 -7.18
C GLY B 141 -20.77 20.79 -7.32
N GLU B 142 -20.65 21.52 -8.43
CA GLU B 142 -19.45 22.30 -8.76
C GLU B 142 -18.19 21.43 -8.80
N GLU B 146 -19.12 21.25 -13.21
CA GLU B 146 -19.00 19.88 -13.68
C GLU B 146 -20.19 19.02 -13.20
N VAL B 147 -20.47 17.94 -13.93
CA VAL B 147 -21.62 17.08 -13.64
C VAL B 147 -21.24 15.86 -12.80
N TYR B 148 -22.14 15.45 -11.90
CA TYR B 148 -21.87 14.30 -11.03
C TYR B 148 -22.80 13.12 -11.34
N LEU B 149 -22.24 11.92 -11.24
CA LEU B 149 -23.03 10.70 -11.29
C LEU B 149 -23.31 10.24 -9.87
N ASN B 150 -24.56 9.90 -9.58
CA ASN B 150 -24.94 9.41 -8.27
C ASN B 150 -25.46 7.99 -8.38
N LEU B 151 -24.76 7.05 -7.75
CA LEU B 151 -25.20 5.65 -7.75
C LEU B 151 -25.91 5.35 -6.43
N VAL B 152 -27.21 5.02 -6.51
CA VAL B 152 -27.99 4.74 -5.31
C VAL B 152 -28.01 3.23 -5.04
N LEU B 153 -27.31 2.84 -3.97
CA LEU B 153 -27.12 1.43 -3.62
C LEU B 153 -27.91 1.09 -2.38
N ASP B 154 -28.36 -0.17 -2.26
CA ASP B 154 -28.88 -0.64 -0.98
C ASP B 154 -27.82 -0.44 0.10
N TYR B 155 -28.23 0.05 1.26
CA TYR B 155 -27.31 0.20 2.39
C TYR B 155 -27.25 -1.11 3.15
N VAL B 156 -26.04 -1.58 3.44
CA VAL B 156 -25.85 -2.82 4.19
C VAL B 156 -25.14 -2.44 5.50
N PRO B 157 -25.59 -3.00 6.64
CA PRO B 157 -25.15 -2.45 7.93
C PRO B 157 -23.71 -2.73 8.36
N GLU B 158 -23.07 -3.78 7.84
CA GLU B 158 -21.71 -4.10 8.29
C GLU B 158 -20.77 -4.41 7.14
N THR B 159 -19.47 -4.54 7.45
CA THR B 159 -18.50 -5.00 6.46
C THR B 159 -17.64 -6.07 7.11
N VAL B 160 -17.02 -6.91 6.30
CA VAL B 160 -16.07 -7.89 6.82
C VAL B 160 -14.93 -7.18 7.55
N TYR B 161 -14.49 -6.04 7.02
CA TYR B 161 -13.44 -5.26 7.66
C TYR B 161 -13.76 -4.94 9.12
N ARG B 162 -14.95 -4.38 9.34
CA ARG B 162 -15.38 -3.98 10.68
C ARG B 162 -15.62 -5.18 11.60
N VAL B 163 -16.25 -6.23 11.07
CA VAL B 163 -16.51 -7.41 11.88
C VAL B 163 -15.20 -8.07 12.31
N ALA B 164 -14.26 -8.21 11.38
CA ALA B 164 -12.97 -8.81 11.67
C ALA B 164 -12.19 -8.01 12.70
N ARG B 165 -12.30 -6.69 12.61
CA ARG B 165 -11.67 -5.81 13.59
C ARG B 165 -12.26 -6.02 14.98
N HIS B 166 -13.57 -6.21 15.05
CA HIS B 166 -14.22 -6.40 16.34
C HIS B 166 -13.71 -7.66 17.03
N TYR B 167 -13.57 -8.75 16.29
CA TYR B 167 -13.06 -9.99 16.87
C TYR B 167 -11.59 -9.85 17.24
N SER B 168 -10.83 -9.20 16.37
CA SER B 168 -9.41 -9.00 16.60
C SER B 168 -9.15 -8.20 17.87
N ARG B 169 -9.91 -7.12 18.06
CA ARG B 169 -9.69 -6.28 19.23
C ARG B 169 -10.19 -6.95 20.50
N ALA B 170 -11.08 -7.93 20.35
CA ALA B 170 -11.59 -8.68 21.48
C ALA B 170 -10.75 -9.93 21.73
N LYS B 171 -9.67 -10.06 20.96
CA LYS B 171 -8.78 -11.23 21.04
C LYS B 171 -9.53 -12.53 20.77
N GLN B 172 -10.51 -12.49 19.87
CA GLN B 172 -11.23 -13.70 19.46
C GLN B 172 -11.15 -13.86 17.96
N THR B 173 -11.54 -15.01 17.44
CA THR B 173 -11.62 -15.18 15.99
C THR B 173 -13.05 -15.42 15.57
N LEU B 174 -13.39 -14.96 14.38
CA LEU B 174 -14.70 -15.23 13.82
C LEU B 174 -14.92 -16.74 13.79
N PRO B 175 -16.06 -17.20 14.32
CA PRO B 175 -16.41 -18.62 14.26
C PRO B 175 -16.31 -19.16 12.84
N VAL B 176 -15.76 -20.34 12.69
CA VAL B 176 -15.54 -20.94 11.37
C VAL B 176 -16.82 -21.04 10.54
N ILE B 177 -17.97 -21.21 11.19
CA ILE B 177 -19.21 -21.34 10.41
C ILE B 177 -19.44 -20.05 9.62
N TYR B 178 -19.14 -18.91 10.21
CA TYR B 178 -19.25 -17.64 9.47
C TYR B 178 -18.17 -17.47 8.42
N VAL B 179 -16.95 -17.93 8.72
CA VAL B 179 -15.88 -17.93 7.72
C VAL B 179 -16.34 -18.74 6.49
N LYS B 180 -16.93 -19.90 6.74
CA LYS B 180 -17.45 -20.71 5.64
C LYS B 180 -18.53 -19.94 4.87
N LEU B 181 -19.53 -19.45 5.58
CA LEU B 181 -20.64 -18.74 4.93
C LEU B 181 -20.20 -17.53 4.11
N TYR B 182 -19.37 -16.68 4.71
CA TYR B 182 -18.93 -15.45 4.05
C TYR B 182 -18.05 -15.73 2.83
N MET B 183 -17.05 -16.58 2.99
CA MET B 183 -16.15 -16.89 1.87
C MET B 183 -16.89 -17.62 0.74
N TYR B 184 -17.88 -18.44 1.10
CA TYR B 184 -18.63 -19.15 0.06
C TYR B 184 -19.38 -18.15 -0.80
N GLN B 185 -20.05 -17.21 -0.15
CA GLN B 185 -20.79 -16.18 -0.85
C GLN B 185 -19.88 -15.27 -1.66
N LEU B 186 -18.71 -14.98 -1.14
CA LEU B 186 -17.73 -14.22 -1.91
C LEU B 186 -17.37 -14.98 -3.18
N PHE B 187 -17.03 -16.27 -3.06
CA PHE B 187 -16.67 -17.04 -4.26
C PHE B 187 -17.83 -17.15 -5.24
N ARG B 188 -19.06 -17.21 -4.74
CA ARG B 188 -20.19 -17.26 -5.66
C ARG B 188 -20.32 -15.92 -6.41
N SER B 189 -20.10 -14.80 -5.73
CA SER B 189 -20.18 -13.50 -6.40
C SER B 189 -19.12 -13.42 -7.50
N LEU B 190 -17.95 -13.99 -7.23
CA LEU B 190 -16.85 -13.97 -8.19
C LEU B 190 -17.15 -14.88 -9.38
N ALA B 191 -17.65 -16.09 -9.11
CA ALA B 191 -18.05 -16.95 -10.21
C ALA B 191 -19.01 -16.20 -11.14
N TYR B 192 -19.94 -15.46 -10.57
CA TYR B 192 -20.93 -14.73 -11.40
C TYR B 192 -20.27 -13.63 -12.23
N ILE B 193 -19.48 -12.75 -11.61
CA ILE B 193 -18.94 -11.66 -12.41
C ILE B 193 -17.91 -12.18 -13.40
N HIS B 194 -17.12 -13.17 -13.01
CA HIS B 194 -16.13 -13.71 -13.94
C HIS B 194 -16.75 -14.33 -15.18
N SER B 195 -17.97 -14.84 -15.04
CA SER B 195 -18.64 -15.48 -16.16
C SER B 195 -19.00 -14.46 -17.23
N PHE B 196 -18.97 -13.18 -16.88
CA PHE B 196 -19.13 -12.12 -17.87
C PHE B 196 -17.78 -11.61 -18.36
N GLY B 197 -16.70 -12.19 -17.87
CA GLY B 197 -15.36 -11.73 -18.21
C GLY B 197 -14.92 -10.57 -17.33
N ILE B 198 -15.76 -10.23 -16.36
CA ILE B 198 -15.53 -9.08 -15.50
C ILE B 198 -14.68 -9.43 -14.27
N CYS B 199 -13.59 -8.70 -14.10
CA CYS B 199 -12.71 -8.85 -12.95
C CYS B 199 -12.91 -7.66 -12.01
N HIS B 200 -13.06 -7.92 -10.72
CA HIS B 200 -13.32 -6.84 -9.75
C HIS B 200 -12.07 -5.96 -9.53
N ARG B 201 -10.93 -6.61 -9.33
CA ARG B 201 -9.59 -5.96 -9.22
C ARG B 201 -9.33 -5.19 -7.90
N ASP B 202 -10.29 -5.21 -6.98
CA ASP B 202 -10.04 -4.62 -5.66
C ASP B 202 -10.75 -5.36 -4.53
N ILE B 203 -10.63 -6.69 -4.52
CA ILE B 203 -11.23 -7.50 -3.46
C ILE B 203 -10.48 -7.29 -2.14
N LYS B 204 -11.20 -6.91 -1.08
CA LYS B 204 -10.62 -6.64 0.22
C LYS B 204 -11.77 -6.56 1.22
N PRO B 205 -11.47 -6.73 2.53
CA PRO B 205 -12.55 -6.81 3.52
C PRO B 205 -13.47 -5.59 3.54
N GLN B 206 -12.94 -4.41 3.26
CA GLN B 206 -13.77 -3.20 3.25
C GLN B 206 -14.84 -3.23 2.15
N ASN B 207 -14.62 -4.04 1.10
CA ASN B 207 -15.58 -4.14 -0.02
C ASN B 207 -16.50 -5.35 0.09
N LEU B 208 -16.57 -5.94 1.27
CA LEU B 208 -17.45 -7.08 1.50
C LEU B 208 -18.49 -6.68 2.55
N LEU B 209 -19.69 -6.34 2.09
CA LEU B 209 -20.75 -5.89 2.96
C LEU B 209 -21.39 -7.10 3.59
N LEU B 210 -21.84 -6.95 4.84
CA LEU B 210 -22.49 -8.06 5.54
C LEU B 210 -23.76 -7.59 6.22
N ASP B 211 -24.78 -8.43 6.14
CA ASP B 211 -25.93 -8.27 7.02
C ASP B 211 -25.79 -9.31 8.12
N PRO B 212 -25.49 -8.86 9.35
CA PRO B 212 -25.15 -9.75 10.46
C PRO B 212 -26.28 -10.71 10.81
N ASP B 213 -27.52 -10.24 10.71
CA ASP B 213 -28.68 -11.05 11.07
C ASP B 213 -28.91 -12.22 10.12
N THR B 214 -28.70 -12.00 8.83
CA THR B 214 -29.02 -13.03 7.84
C THR B 214 -27.77 -13.77 7.37
N ALA B 215 -26.61 -13.23 7.74
CA ALA B 215 -25.30 -13.75 7.35
C ALA B 215 -25.10 -13.65 5.84
N VAL B 216 -25.80 -12.71 5.22
CA VAL B 216 -25.68 -12.50 3.79
C VAL B 216 -24.50 -11.55 3.51
N LEU B 217 -23.63 -11.95 2.59
CA LEU B 217 -22.52 -11.11 2.16
C LEU B 217 -22.80 -10.55 0.76
N LYS B 218 -22.43 -9.29 0.54
CA LYS B 218 -22.58 -8.69 -0.78
C LYS B 218 -21.30 -7.96 -1.18
N LEU B 219 -20.81 -8.29 -2.37
CA LEU B 219 -19.66 -7.64 -2.95
C LEU B 219 -20.00 -6.22 -3.39
N CYS B 220 -19.14 -5.26 -3.10
CA CYS B 220 -19.43 -3.88 -3.47
C CYS B 220 -18.18 -3.17 -4.05
N ASP B 221 -18.36 -1.91 -4.43
CA ASP B 221 -17.33 -1.04 -5.06
C ASP B 221 -16.78 -1.62 -6.34
N PHE B 222 -17.45 -1.29 -7.45
CA PHE B 222 -17.00 -1.75 -8.76
C PHE B 222 -16.26 -0.65 -9.49
N GLY B 223 -15.64 0.26 -8.73
CA GLY B 223 -14.88 1.38 -9.29
C GLY B 223 -13.58 0.98 -9.98
N SER B 224 -13.05 -0.19 -9.66
CA SER B 224 -11.85 -0.70 -10.33
C SER B 224 -12.15 -1.80 -11.33
N ALA B 225 -13.40 -2.25 -11.37
CA ALA B 225 -13.73 -3.45 -12.15
C ALA B 225 -13.59 -3.22 -13.65
N LYS B 226 -13.29 -4.29 -14.37
CA LYS B 226 -13.07 -4.19 -15.81
C LYS B 226 -13.30 -5.53 -16.49
N GLN B 227 -13.88 -5.49 -17.68
CA GLN B 227 -13.93 -6.69 -18.50
C GLN B 227 -12.57 -6.95 -19.12
N LEU B 228 -11.92 -8.03 -18.70
CA LEU B 228 -10.57 -8.32 -19.19
C LEU B 228 -10.64 -9.02 -20.53
N VAL B 229 -9.81 -8.57 -21.47
CA VAL B 229 -9.74 -9.15 -22.80
C VAL B 229 -8.32 -9.65 -23.09
N ARG B 230 -8.19 -10.93 -23.43
CA ARG B 230 -6.87 -11.52 -23.67
C ARG B 230 -6.13 -10.73 -24.75
N GLY B 231 -4.90 -10.32 -24.44
CA GLY B 231 -4.09 -9.61 -25.41
C GLY B 231 -4.25 -8.10 -25.35
N GLU B 232 -5.17 -7.62 -24.52
CA GLU B 232 -5.33 -6.18 -24.31
C GLU B 232 -4.84 -5.82 -22.91
N PRO B 233 -3.84 -4.92 -22.84
CA PRO B 233 -3.18 -4.54 -21.58
C PRO B 233 -4.11 -3.92 -20.56
N ASN B 234 -3.80 -4.14 -19.28
CA ASN B 234 -4.52 -3.55 -18.16
C ASN B 234 -3.53 -2.88 -17.21
N VAL B 235 -3.97 -1.84 -16.51
CA VAL B 235 -3.07 -1.18 -15.56
C VAL B 235 -2.72 -2.16 -14.45
N SER B 236 -1.45 -2.16 -14.06
CA SER B 236 -1.01 -3.08 -13.02
C SER B 236 -1.32 -2.54 -11.64
N TYR B 237 -1.57 -1.24 -11.54
CA TYR B 237 -1.57 -0.59 -10.22
C TYR B 237 -2.91 -0.62 -9.49
N ILE B 238 -3.78 -1.57 -9.85
CA ILE B 238 -5.02 -1.73 -9.10
C ILE B 238 -4.77 -2.68 -7.91
N CYS B 239 -5.81 -2.89 -7.12
CA CYS B 239 -5.81 -3.77 -5.95
C CYS B 239 -5.02 -3.15 -4.79
N SER B 240 -5.47 -3.44 -3.58
CA SER B 240 -5.03 -2.74 -2.38
C SER B 240 -4.02 -3.53 -1.55
N ARG B 241 -3.18 -2.78 -0.87
CA ARG B 241 -2.20 -3.26 0.08
C ARG B 241 -2.68 -4.45 0.91
N TYR B 242 -1.88 -5.52 0.87
CA TYR B 242 -2.10 -6.81 1.54
C TYR B 242 -2.78 -7.82 0.61
N TYR B 243 -3.56 -7.35 -0.36
CA TYR B 243 -4.47 -8.25 -1.11
C TYR B 243 -4.03 -8.46 -2.57
N ARG B 244 -2.87 -7.89 -2.94
CA ARG B 244 -2.41 -7.93 -4.33
C ARG B 244 -1.72 -9.25 -4.67
N ALA B 245 -2.15 -9.84 -5.77
CA ALA B 245 -1.50 -11.03 -6.32
C ALA B 245 -0.06 -10.70 -6.70
N PRO B 246 0.84 -11.69 -6.55
CA PRO B 246 2.26 -11.43 -6.82
C PRO B 246 2.50 -10.89 -8.23
N GLU B 247 1.69 -11.30 -9.22
CA GLU B 247 1.89 -10.79 -10.58
C GLU B 247 1.61 -9.28 -10.69
N LEU B 248 0.69 -8.76 -9.87
CA LEU B 248 0.46 -7.32 -9.77
C LEU B 248 1.65 -6.63 -9.11
N ILE B 249 2.17 -7.22 -8.04
CA ILE B 249 3.34 -6.67 -7.38
C ILE B 249 4.50 -6.55 -8.36
N PHE B 250 4.60 -7.53 -9.26
CA PHE B 250 5.62 -7.56 -10.30
C PHE B 250 5.28 -6.66 -11.48
N GLY B 251 4.19 -5.92 -11.37
CA GLY B 251 3.80 -4.97 -12.40
C GLY B 251 3.29 -5.54 -13.71
N ALA B 252 2.74 -6.75 -13.69
CA ALA B 252 2.19 -7.35 -14.92
C ALA B 252 0.98 -6.56 -15.41
N THR B 253 0.89 -6.43 -16.73
CA THR B 253 -0.28 -5.81 -17.35
C THR B 253 -1.15 -6.84 -18.07
N ASP B 254 -0.75 -8.11 -18.07
CA ASP B 254 -1.46 -9.14 -18.83
C ASP B 254 -2.12 -10.19 -17.94
N TYR B 255 -2.52 -9.77 -16.76
CA TYR B 255 -3.08 -10.70 -15.78
C TYR B 255 -4.52 -11.06 -16.12
N THR B 256 -5.08 -11.99 -15.35
CA THR B 256 -6.43 -12.50 -15.57
C THR B 256 -7.30 -12.30 -14.34
N SER B 257 -8.52 -12.83 -14.39
CA SER B 257 -9.45 -12.76 -13.27
C SER B 257 -8.97 -13.54 -12.07
N SER B 258 -7.97 -14.40 -12.24
CA SER B 258 -7.42 -15.11 -11.08
C SER B 258 -6.74 -14.17 -10.07
N ILE B 259 -6.52 -12.90 -10.41
CA ILE B 259 -6.05 -11.98 -9.36
C ILE B 259 -7.11 -11.85 -8.26
N ASP B 260 -8.40 -11.96 -8.61
CA ASP B 260 -9.47 -11.85 -7.59
C ASP B 260 -9.45 -13.05 -6.65
N VAL B 261 -9.02 -14.18 -7.18
CA VAL B 261 -8.99 -15.42 -6.41
C VAL B 261 -7.85 -15.35 -5.39
N TRP B 262 -6.70 -14.85 -5.82
CA TRP B 262 -5.63 -14.57 -4.84
C TRP B 262 -6.12 -13.65 -3.71
N SER B 263 -6.73 -12.52 -4.08
CA SER B 263 -7.24 -11.59 -3.09
C SER B 263 -8.24 -12.27 -2.13
N ALA B 264 -9.14 -13.09 -2.66
CA ALA B 264 -10.10 -13.80 -1.81
C ALA B 264 -9.37 -14.75 -0.86
N GLY B 265 -8.33 -15.42 -1.36
CA GLY B 265 -7.49 -16.24 -0.51
C GLY B 265 -6.85 -15.48 0.64
N CYS B 266 -6.38 -14.25 0.38
CA CYS B 266 -5.86 -13.42 1.46
C CYS B 266 -6.93 -13.12 2.51
N VAL B 267 -8.16 -12.91 2.05
CA VAL B 267 -9.24 -12.59 2.98
C VAL B 267 -9.54 -13.81 3.86
N LEU B 268 -9.66 -14.96 3.24
CA LEU B 268 -9.83 -16.22 3.98
C LEU B 268 -8.74 -16.42 5.04
N ALA B 269 -7.48 -16.31 4.61
CA ALA B 269 -6.36 -16.49 5.54
C ALA B 269 -6.47 -15.51 6.71
N GLU B 270 -6.81 -14.27 6.38
CA GLU B 270 -6.91 -13.23 7.39
C GLU B 270 -8.01 -13.51 8.41
N LEU B 271 -9.15 -14.02 7.96
CA LEU B 271 -10.23 -14.38 8.88
C LEU B 271 -9.81 -15.51 9.81
N LEU B 272 -9.03 -16.45 9.30
CA LEU B 272 -8.54 -17.56 10.11
C LEU B 272 -7.42 -17.14 11.07
N LEU B 273 -6.54 -16.26 10.61
CA LEU B 273 -5.40 -15.83 11.42
C LEU B 273 -5.72 -14.74 12.43
N GLY B 274 -6.65 -13.85 12.10
CA GLY B 274 -6.93 -12.72 12.95
C GLY B 274 -6.15 -11.48 12.54
N GLN B 275 -5.39 -11.59 11.45
CA GLN B 275 -4.55 -10.50 10.95
C GLN B 275 -4.17 -10.84 9.51
N PRO B 276 -3.77 -9.83 8.72
CA PRO B 276 -3.41 -10.06 7.31
C PRO B 276 -2.29 -11.10 7.20
N ILE B 277 -2.34 -11.97 6.20
CA ILE B 277 -1.31 -12.99 6.06
C ILE B 277 -0.04 -12.44 5.41
N PHE B 278 -0.18 -11.48 4.49
CA PHE B 278 1.00 -10.90 3.83
C PHE B 278 1.08 -9.37 4.03
N PRO B 279 1.35 -8.92 5.25
CA PRO B 279 1.35 -7.48 5.49
C PRO B 279 2.61 -6.80 4.88
N GLY B 280 2.62 -5.47 4.88
CA GLY B 280 3.77 -4.71 4.39
C GLY B 280 3.30 -3.46 3.68
N ASP B 281 4.03 -2.36 3.84
CA ASP B 281 3.65 -1.11 3.22
C ASP B 281 4.27 -0.93 1.85
N SER B 282 5.26 -1.77 1.56
CA SER B 282 5.88 -1.82 0.24
C SER B 282 5.67 -3.18 -0.40
N GLY B 283 5.76 -3.23 -1.72
CA GLY B 283 5.66 -4.50 -2.41
C GLY B 283 6.77 -5.45 -2.01
N VAL B 284 7.96 -4.91 -1.73
CA VAL B 284 9.08 -5.78 -1.36
C VAL B 284 8.81 -6.44 0.00
N ASP B 285 8.22 -5.72 0.94
CA ASP B 285 7.85 -6.33 2.22
C ASP B 285 6.75 -7.40 2.02
N GLN B 286 5.77 -7.08 1.18
CA GLN B 286 4.68 -8.03 0.94
C GLN B 286 5.23 -9.32 0.31
N LEU B 287 6.16 -9.15 -0.62
CA LEU B 287 6.75 -10.28 -1.32
C LEU B 287 7.59 -11.16 -0.39
N VAL B 288 8.33 -10.52 0.52
CA VAL B 288 9.08 -11.28 1.52
C VAL B 288 8.13 -12.14 2.37
N GLU B 289 7.01 -11.56 2.78
CA GLU B 289 6.02 -12.29 3.58
C GLU B 289 5.42 -13.45 2.78
N ILE B 290 5.18 -13.22 1.50
CA ILE B 290 4.67 -14.28 0.61
C ILE B 290 5.71 -15.40 0.46
N ILE B 291 6.94 -15.03 0.18
CA ILE B 291 8.04 -15.98 0.05
C ILE B 291 8.24 -16.77 1.35
N LYS B 292 8.06 -16.13 2.51
CA LYS B 292 8.17 -16.83 3.80
C LYS B 292 7.19 -18.00 3.92
N VAL B 293 6.05 -17.88 3.25
CA VAL B 293 5.05 -18.94 3.29
C VAL B 293 5.17 -19.90 2.10
N LEU B 294 5.14 -19.37 0.89
CA LEU B 294 5.16 -20.18 -0.32
C LEU B 294 6.55 -20.65 -0.74
N GLY B 295 7.59 -20.08 -0.12
CA GLY B 295 8.94 -20.38 -0.56
C GLY B 295 9.27 -19.52 -1.77
N THR B 296 10.54 -19.46 -2.13
CA THR B 296 10.98 -18.70 -3.30
C THR B 296 10.30 -19.24 -4.56
N PRO B 297 9.79 -18.35 -5.41
CA PRO B 297 9.20 -18.81 -6.67
C PRO B 297 10.27 -19.28 -7.66
N THR B 298 9.99 -20.37 -8.35
CA THR B 298 10.89 -20.88 -9.38
C THR B 298 10.96 -19.92 -10.56
N ARG B 299 11.96 -20.12 -11.42
CA ARG B 299 12.07 -19.33 -12.65
C ARG B 299 10.80 -19.49 -13.49
N GLU B 300 10.23 -20.69 -13.47
CA GLU B 300 9.01 -20.98 -14.21
C GLU B 300 7.84 -20.20 -13.63
N GLN B 301 7.65 -20.30 -12.32
CA GLN B 301 6.61 -19.56 -11.62
C GLN B 301 6.76 -18.05 -11.85
N ILE B 302 8.00 -17.58 -11.89
CA ILE B 302 8.24 -16.15 -12.14
C ILE B 302 7.78 -15.81 -13.57
N ARG B 303 8.11 -16.68 -14.52
CA ARG B 303 7.72 -16.47 -15.91
C ARG B 303 6.20 -16.36 -16.08
N GLU B 304 5.44 -17.10 -15.27
CA GLU B 304 3.99 -17.09 -15.40
C GLU B 304 3.36 -15.90 -14.65
N MET B 305 4.14 -15.27 -13.78
CA MET B 305 3.70 -14.02 -13.13
C MET B 305 4.14 -12.80 -13.94
N ASN B 306 5.44 -12.66 -14.17
CA ASN B 306 5.96 -11.59 -15.02
C ASN B 306 7.37 -11.96 -15.50
N PRO B 307 7.52 -12.19 -16.81
CA PRO B 307 8.87 -12.32 -17.39
C PRO B 307 9.66 -11.03 -17.16
N ASN B 308 10.94 -11.01 -17.47
CA ASN B 308 11.79 -9.86 -17.16
C ASN B 308 11.95 -9.64 -15.64
N TYR B 309 11.22 -10.40 -14.83
CA TYR B 309 11.55 -10.51 -13.41
C TYR B 309 12.28 -11.82 -13.16
N THR B 310 12.51 -12.56 -14.24
CA THR B 310 13.29 -13.81 -14.23
C THR B 310 14.62 -13.70 -13.47
N GLU B 311 15.41 -12.68 -13.82
CA GLU B 311 16.82 -12.65 -13.42
C GLU B 311 17.13 -11.82 -12.16
N PHE B 312 16.11 -11.30 -11.48
CA PHE B 312 16.33 -10.49 -10.28
C PHE B 312 16.72 -11.34 -9.07
N LYS B 313 17.37 -10.71 -8.10
CA LYS B 313 17.76 -11.36 -6.86
C LYS B 313 16.58 -11.46 -5.89
N PHE B 314 16.19 -12.67 -5.55
CA PHE B 314 15.13 -12.90 -4.57
C PHE B 314 15.68 -13.60 -3.34
N PRO B 315 15.03 -13.40 -2.18
CA PRO B 315 15.33 -14.18 -0.97
C PRO B 315 15.19 -15.68 -1.25
N GLN B 316 16.12 -16.47 -0.73
CA GLN B 316 16.12 -17.92 -0.94
C GLN B 316 15.62 -18.67 0.29
N ILE B 317 14.30 -18.79 0.41
CA ILE B 317 13.69 -19.43 1.56
C ILE B 317 12.95 -20.71 1.16
N LYS B 318 13.09 -21.75 1.98
CA LYS B 318 12.35 -22.98 1.75
C LYS B 318 10.88 -22.75 2.14
N ALA B 319 9.98 -23.44 1.46
CA ALA B 319 8.55 -23.27 1.72
C ALA B 319 8.19 -23.70 3.14
N HIS B 320 7.48 -22.82 3.85
CA HIS B 320 6.98 -23.16 5.17
C HIS B 320 5.71 -24.00 5.04
N PRO B 321 5.67 -25.15 5.73
CA PRO B 321 4.49 -26.03 5.69
C PRO B 321 3.23 -25.28 6.09
N TRP B 322 2.23 -25.34 5.24
CA TRP B 322 1.00 -24.56 5.42
C TRP B 322 0.33 -24.77 6.77
N THR B 323 0.47 -25.96 7.34
CA THR B 323 -0.17 -26.26 8.62
C THR B 323 0.40 -25.41 9.75
N LYS B 324 1.69 -25.10 9.68
CA LYS B 324 2.36 -24.33 10.73
C LYS B 324 2.11 -22.82 10.61
N VAL B 325 1.40 -22.41 9.57
CA VAL B 325 1.02 -21.02 9.37
C VAL B 325 -0.13 -20.63 10.30
N PHE B 326 -1.10 -21.53 10.44
CA PHE B 326 -2.29 -21.23 11.21
C PHE B 326 -2.26 -21.86 12.61
N ARG B 327 -3.16 -21.41 13.48
CA ARG B 327 -3.32 -21.98 14.81
C ARG B 327 -3.66 -23.48 14.76
N PRO B 328 -3.31 -24.23 15.82
CA PRO B 328 -3.54 -25.69 15.86
C PRO B 328 -4.99 -26.10 15.65
N ARG B 329 -5.94 -25.26 16.07
CA ARG B 329 -7.35 -25.62 15.97
C ARG B 329 -7.89 -25.49 14.55
N THR B 330 -7.15 -24.81 13.67
CA THR B 330 -7.60 -24.52 12.31
C THR B 330 -7.95 -25.80 11.56
N PRO B 331 -9.18 -25.85 11.01
CA PRO B 331 -9.64 -27.03 10.26
C PRO B 331 -8.74 -27.28 9.06
N PRO B 332 -8.31 -28.53 8.85
CA PRO B 332 -7.40 -28.86 7.75
C PRO B 332 -7.97 -28.54 6.36
N GLU B 333 -9.29 -28.60 6.18
CA GLU B 333 -9.88 -28.23 4.90
C GLU B 333 -9.70 -26.74 4.59
N ALA B 334 -9.72 -25.90 5.61
CA ALA B 334 -9.54 -24.46 5.42
C ALA B 334 -8.11 -24.19 4.96
N ILE B 335 -7.17 -24.93 5.53
CA ILE B 335 -5.77 -24.79 5.19
C ILE B 335 -5.53 -25.30 3.78
N ALA B 336 -6.14 -26.46 3.47
CA ALA B 336 -6.04 -27.03 2.13
C ALA B 336 -6.57 -26.02 1.11
N LEU B 337 -7.72 -25.42 1.41
CA LEU B 337 -8.32 -24.43 0.51
C LEU B 337 -7.40 -23.20 0.31
N CYS B 338 -6.83 -22.67 1.39
CA CYS B 338 -5.90 -21.55 1.27
C CYS B 338 -4.74 -21.87 0.32
N SER B 339 -4.17 -23.06 0.46
CA SER B 339 -3.00 -23.42 -0.34
C SER B 339 -3.32 -23.53 -1.82
N ARG B 340 -4.60 -23.75 -2.16
CA ARG B 340 -4.99 -23.90 -3.56
C ARG B 340 -5.45 -22.56 -4.15
N LEU B 341 -5.64 -21.56 -3.30
CA LEU B 341 -5.96 -20.21 -3.74
C LEU B 341 -4.69 -19.39 -3.86
N LEU B 342 -3.81 -19.54 -2.87
CA LEU B 342 -2.61 -18.72 -2.79
C LEU B 342 -1.46 -19.46 -3.46
N GLU B 343 -1.55 -19.57 -4.79
CA GLU B 343 -0.53 -20.19 -5.63
C GLU B 343 0.15 -19.14 -6.49
N TYR B 344 1.47 -19.25 -6.64
CA TYR B 344 2.23 -18.37 -7.51
C TYR B 344 1.69 -18.34 -8.95
N THR B 345 1.64 -19.51 -9.58
CA THR B 345 1.20 -19.63 -10.96
C THR B 345 -0.30 -19.36 -11.05
N PRO B 346 -0.68 -18.27 -11.74
CA PRO B 346 -2.07 -17.82 -11.72
C PRO B 346 -3.06 -18.87 -12.25
N THR B 347 -2.67 -19.63 -13.26
CA THR B 347 -3.56 -20.65 -13.82
C THR B 347 -3.68 -21.88 -12.92
N ALA B 348 -2.89 -21.93 -11.86
CA ALA B 348 -2.94 -23.08 -10.96
C ALA B 348 -3.92 -22.84 -9.80
N ARG B 349 -4.38 -21.61 -9.64
CA ARG B 349 -5.30 -21.29 -8.56
C ARG B 349 -6.67 -21.86 -8.90
N LEU B 350 -7.45 -22.18 -7.87
CA LEU B 350 -8.83 -22.63 -8.10
C LEU B 350 -9.64 -21.53 -8.77
N THR B 351 -10.57 -21.91 -9.64
CA THR B 351 -11.58 -20.96 -10.09
C THR B 351 -12.58 -20.74 -8.96
N PRO B 352 -13.35 -19.64 -8.99
CA PRO B 352 -14.32 -19.38 -7.93
C PRO B 352 -15.34 -20.51 -7.76
N LEU B 353 -15.83 -21.03 -8.86
CA LEU B 353 -16.81 -22.12 -8.83
C LEU B 353 -16.20 -23.38 -8.20
N GLU B 354 -14.96 -23.71 -8.57
CA GLU B 354 -14.24 -24.82 -7.94
C GLU B 354 -14.04 -24.55 -6.44
N ALA B 355 -13.81 -23.30 -6.06
CA ALA B 355 -13.67 -22.95 -4.65
C ALA B 355 -14.98 -23.23 -3.90
N CYS B 356 -16.11 -22.80 -4.45
CA CYS B 356 -17.41 -23.12 -3.84
C CYS B 356 -17.59 -24.62 -3.61
N ALA B 357 -17.05 -25.43 -4.53
CA ALA B 357 -17.22 -26.87 -4.46
C ALA B 357 -16.24 -27.53 -3.49
N HIS B 358 -15.36 -26.74 -2.89
CA HIS B 358 -14.31 -27.29 -2.05
C HIS B 358 -14.86 -27.91 -0.76
N SER B 359 -14.12 -28.90 -0.24
CA SER B 359 -14.55 -29.63 0.97
C SER B 359 -14.78 -28.74 2.19
N PHE B 360 -14.08 -27.60 2.24
CA PHE B 360 -14.21 -26.67 3.35
C PHE B 360 -15.67 -26.23 3.52
N PHE B 361 -16.41 -26.18 2.42
CA PHE B 361 -17.80 -25.73 2.45
C PHE B 361 -18.84 -26.87 2.54
N ASP B 362 -18.39 -28.10 2.81
CA ASP B 362 -19.31 -29.22 2.91
C ASP B 362 -20.39 -29.00 3.97
N GLU B 363 -20.01 -28.39 5.09
CA GLU B 363 -20.95 -28.16 6.18
C GLU B 363 -22.16 -27.34 5.73
N LEU B 364 -21.91 -26.40 4.81
CA LEU B 364 -22.97 -25.55 4.28
C LEU B 364 -24.00 -26.33 3.47
N ARG B 365 -23.58 -27.48 2.94
CA ARG B 365 -24.45 -28.29 2.09
C ARG B 365 -25.24 -29.33 2.89
N ASP B 366 -24.95 -29.44 4.18
CA ASP B 366 -25.70 -30.30 5.12
C ASP B 366 -27.13 -29.79 5.29
N PRO B 367 -28.15 -30.64 5.04
CA PRO B 367 -29.55 -30.18 5.19
C PRO B 367 -29.89 -29.71 6.60
N ASN B 368 -29.07 -30.08 7.58
CA ASN B 368 -29.31 -29.73 8.98
C ASN B 368 -28.65 -28.43 9.47
N VAL B 369 -27.87 -27.79 8.60
CA VAL B 369 -27.11 -26.62 9.03
C VAL B 369 -28.03 -25.46 9.41
N LYS B 370 -27.69 -24.78 10.50
CA LYS B 370 -28.38 -23.56 10.92
C LYS B 370 -27.37 -22.49 11.37
N LEU B 371 -27.77 -21.22 11.33
CA LEU B 371 -26.97 -20.16 11.94
C LEU B 371 -27.06 -20.30 13.45
N PRO B 372 -26.06 -19.77 14.18
CA PRO B 372 -26.16 -19.73 15.64
C PRO B 372 -27.39 -18.95 16.12
N ASN B 373 -27.83 -17.99 15.31
CA ASN B 373 -29.01 -17.20 15.62
C ASN B 373 -30.27 -18.06 15.68
N GLY B 374 -30.22 -19.24 15.07
CA GLY B 374 -31.37 -20.10 14.95
C GLY B 374 -31.93 -20.04 13.54
N ARG B 375 -31.58 -18.97 12.83
CA ARG B 375 -32.10 -18.73 11.48
C ARG B 375 -31.60 -19.77 10.47
N ASP B 376 -32.31 -19.88 9.36
CA ASP B 376 -31.82 -20.65 8.24
C ASP B 376 -30.63 -19.92 7.64
N THR B 377 -29.79 -20.65 6.92
CA THR B 377 -28.76 -20.03 6.12
C THR B 377 -29.45 -19.36 4.94
N PRO B 378 -28.79 -18.35 4.32
CA PRO B 378 -29.29 -17.76 3.07
C PRO B 378 -29.33 -18.80 1.97
N ALA B 379 -29.96 -18.49 0.84
CA ALA B 379 -30.02 -19.45 -0.26
C ALA B 379 -28.64 -19.57 -0.92
N LEU B 380 -28.06 -20.75 -0.82
CA LEU B 380 -26.69 -20.97 -1.29
C LEU B 380 -26.63 -21.81 -2.56
N PHE B 381 -27.77 -22.36 -2.97
CA PHE B 381 -27.77 -23.43 -3.98
C PHE B 381 -28.52 -23.11 -5.26
N ASN B 382 -29.21 -21.98 -5.32
CA ASN B 382 -29.95 -21.64 -6.51
C ASN B 382 -29.05 -21.02 -7.61
N PHE B 383 -28.11 -21.82 -8.09
CA PHE B 383 -27.19 -21.40 -9.14
C PHE B 383 -27.91 -21.29 -10.47
N THR B 384 -27.68 -20.19 -11.17
CA THR B 384 -28.20 -20.07 -12.54
C THR B 384 -27.23 -20.73 -13.53
N THR B 385 -27.74 -20.96 -14.74
CA THR B 385 -26.91 -21.50 -15.82
C THR B 385 -25.69 -20.59 -16.04
N GLN B 386 -25.92 -19.30 -15.99
CA GLN B 386 -24.83 -18.33 -16.14
C GLN B 386 -23.73 -18.55 -15.08
N GLU B 387 -24.13 -18.76 -13.83
CA GLU B 387 -23.16 -18.95 -12.73
C GLU B 387 -22.35 -20.23 -12.89
N LEU B 388 -22.99 -21.24 -13.45
CA LEU B 388 -22.40 -22.56 -13.59
C LEU B 388 -21.62 -22.73 -14.89
N SER B 389 -21.66 -21.71 -15.74
CA SER B 389 -21.19 -21.86 -17.12
C SER B 389 -19.71 -22.17 -17.27
N SER B 390 -18.87 -21.77 -16.31
CA SER B 390 -17.45 -22.09 -16.42
C SER B 390 -17.20 -23.59 -16.29
N ASN B 391 -18.13 -24.31 -15.64
CA ASN B 391 -17.98 -25.75 -15.41
C ASN B 391 -19.29 -26.39 -14.95
N PRO B 392 -20.27 -26.52 -15.85
CA PRO B 392 -21.60 -27.01 -15.51
C PRO B 392 -21.64 -28.29 -14.65
N PRO B 393 -20.77 -29.29 -14.94
CA PRO B 393 -20.92 -30.48 -14.09
C PRO B 393 -20.52 -30.30 -12.63
N LEU B 394 -19.97 -29.14 -12.24
CA LEU B 394 -19.73 -28.88 -10.83
C LEU B 394 -21.02 -28.84 -10.04
N ALA B 395 -22.14 -28.62 -10.72
CA ALA B 395 -23.46 -28.61 -10.07
C ALA B 395 -23.74 -29.92 -9.34
N THR B 396 -23.09 -30.98 -9.82
CA THR B 396 -23.09 -32.29 -9.19
C THR B 396 -22.78 -32.24 -7.69
N ILE B 397 -21.80 -31.41 -7.35
CA ILE B 397 -21.39 -31.15 -5.96
C ILE B 397 -22.12 -29.94 -5.36
N LEU B 398 -22.23 -28.88 -6.17
CA LEU B 398 -22.70 -27.60 -5.67
C LEU B 398 -24.14 -27.64 -5.19
N ILE B 399 -24.97 -28.42 -5.88
CA ILE B 399 -26.38 -28.51 -5.53
C ILE B 399 -26.64 -29.84 -4.83
N PRO B 400 -26.77 -29.80 -3.49
CA PRO B 400 -26.99 -30.99 -2.69
C PRO B 400 -28.33 -31.69 -2.98
N PRO B 401 -28.44 -32.98 -2.63
CA PRO B 401 -29.67 -33.73 -2.91
C PRO B 401 -30.92 -33.00 -2.41
N HIS B 402 -30.89 -32.40 -1.22
CA HIS B 402 -32.12 -31.84 -0.67
C HIS B 402 -32.54 -30.57 -1.42
N ALA B 403 -31.59 -29.89 -2.05
CA ALA B 403 -31.90 -28.75 -2.88
C ALA B 403 -32.49 -29.19 -4.23
N ARG B 404 -32.59 -30.49 -4.45
CA ARG B 404 -33.11 -30.98 -5.73
C ARG B 404 -34.49 -31.61 -5.60
N ILE B 405 -35.08 -31.54 -4.41
CA ILE B 405 -36.42 -32.12 -4.21
C ILE B 405 -37.48 -31.30 -4.96
N GLN B 406 -38.32 -31.99 -5.73
CA GLN B 406 -39.33 -31.34 -6.55
C GLN B 406 -40.52 -30.89 -5.70
#